data_1PSV
#
_entry.id   1PSV
#
_cell.length_a   1.000
_cell.length_b   1.000
_cell.length_c   1.000
_cell.angle_alpha   90.00
_cell.angle_beta   90.00
_cell.angle_gamma   90.00
#
_symmetry.space_group_name_H-M   'P 1'
#
_entity_poly.entity_id   1
_entity_poly.type   'polypeptide(L)'
_entity_poly.pdbx_seq_one_letter_code
;KPYTARIKGRTFSNEKELRDFLETFTGR
;
_entity_poly.pdbx_strand_id   A
#
# COMPACT_ATOMS: atom_id res chain seq x y z
N LYS A 1 0.10 9.51 -12.02
CA LYS A 1 -0.67 8.32 -11.56
C LYS A 1 0.03 7.66 -10.37
N PRO A 2 -0.23 8.17 -9.18
CA PRO A 2 0.40 7.60 -7.96
C PRO A 2 -0.20 6.22 -7.65
N TYR A 3 0.56 5.36 -7.02
CA TYR A 3 0.05 4.00 -6.70
C TYR A 3 -1.31 4.05 -5.97
N THR A 4 -1.95 2.92 -5.81
CA THR A 4 -3.27 2.90 -5.12
C THR A 4 -3.68 1.45 -4.77
N ALA A 5 -2.94 0.80 -3.92
CA ALA A 5 -3.28 -0.61 -3.52
C ALA A 5 -4.73 -0.69 -3.04
N ARG A 6 -5.42 -1.76 -3.34
CA ARG A 6 -6.83 -1.90 -2.87
C ARG A 6 -6.85 -2.16 -1.36
N ILE A 7 -6.40 -1.20 -0.58
CA ILE A 7 -6.37 -1.39 0.90
C ILE A 7 -7.10 -0.26 1.62
N LYS A 8 -6.94 0.95 1.17
CA LYS A 8 -7.61 2.10 1.86
C LYS A 8 -7.72 3.33 0.95
N GLY A 9 -7.45 3.21 -0.33
CA GLY A 9 -7.51 4.40 -1.23
C GLY A 9 -6.49 5.42 -0.71
N ARG A 10 -5.48 4.95 0.01
CA ARG A 10 -4.46 5.86 0.57
C ARG A 10 -3.50 6.31 -0.54
N THR A 11 -3.36 5.51 -1.57
CA THR A 11 -2.41 5.86 -2.68
C THR A 11 -0.99 5.84 -2.10
N PHE A 12 -0.02 5.52 -2.91
CA PHE A 12 1.37 5.47 -2.38
C PHE A 12 2.37 5.98 -3.41
N SER A 13 3.23 6.89 -3.02
CA SER A 13 4.23 7.45 -3.95
C SER A 13 5.14 6.33 -4.48
N ASN A 14 5.26 5.23 -3.76
CA ASN A 14 6.14 4.13 -4.24
C ASN A 14 5.67 2.77 -3.74
N GLU A 15 5.83 1.76 -4.56
CA GLU A 15 5.41 0.39 -4.14
C GLU A 15 6.28 -0.08 -2.97
N LYS A 16 7.47 0.45 -2.86
CA LYS A 16 8.37 0.07 -1.73
C LYS A 16 7.68 0.42 -0.41
N GLU A 17 6.92 1.49 -0.42
CA GLU A 17 6.18 1.91 0.81
C GLU A 17 4.97 1.00 0.96
N LEU A 18 4.37 0.60 -0.14
CA LEU A 18 3.18 -0.28 -0.06
C LEU A 18 3.56 -1.56 0.70
N ARG A 19 4.75 -2.05 0.52
CA ARG A 19 5.18 -3.30 1.24
C ARG A 19 4.92 -3.13 2.74
N ASP A 20 5.50 -2.12 3.32
CA ASP A 20 5.28 -1.82 4.77
C ASP A 20 3.79 -1.66 5.05
N PHE A 21 3.08 -1.00 4.17
CA PHE A 21 1.62 -0.83 4.36
C PHE A 21 0.93 -2.19 4.16
N LEU A 22 1.53 -3.04 3.36
CA LEU A 22 0.94 -4.40 3.11
C LEU A 22 1.11 -5.25 4.38
N GLU A 23 2.13 -4.98 5.17
CA GLU A 23 2.33 -5.76 6.43
C GLU A 23 1.08 -5.61 7.30
N THR A 24 0.49 -4.44 7.27
CA THR A 24 -0.77 -4.20 8.05
C THR A 24 -1.96 -4.37 7.11
N PHE A 25 -1.95 -5.42 6.36
CA PHE A 25 -3.04 -5.71 5.38
C PHE A 25 -3.65 -7.07 5.68
N THR A 26 -2.81 -8.04 5.86
CA THR A 26 -3.29 -9.42 6.16
C THR A 26 -2.75 -9.89 7.51
N GLY A 27 -2.45 -8.98 8.41
CA GLY A 27 -1.92 -9.37 9.74
C GLY A 27 -0.58 -10.11 9.57
N ARG A 28 0.23 -9.68 8.63
CA ARG A 28 1.54 -10.36 8.42
C ARG A 28 2.40 -10.26 9.68
N LYS A 1 -0.69 9.55 -12.06
CA LYS A 1 -1.41 8.44 -11.38
C LYS A 1 -0.52 7.82 -10.29
N PRO A 2 -0.70 8.27 -9.07
CA PRO A 2 0.10 7.73 -7.95
C PRO A 2 -0.33 6.30 -7.59
N TYR A 3 0.53 5.55 -6.95
CA TYR A 3 0.18 4.14 -6.59
C TYR A 3 -1.04 4.14 -5.66
N THR A 4 -1.45 2.98 -5.16
CA THR A 4 -2.67 2.95 -4.26
C THR A 4 -2.86 1.59 -3.59
N ALA A 5 -2.85 0.51 -4.34
CA ALA A 5 -3.08 -0.85 -3.74
C ALA A 5 -4.51 -0.93 -3.17
N ARG A 6 -5.23 -1.97 -3.48
CA ARG A 6 -6.62 -2.11 -2.96
C ARG A 6 -6.57 -2.41 -1.46
N ILE A 7 -6.08 -1.48 -0.68
CA ILE A 7 -5.99 -1.70 0.80
C ILE A 7 -6.79 -0.64 1.57
N LYS A 8 -6.71 0.59 1.15
CA LYS A 8 -7.43 1.68 1.88
C LYS A 8 -7.62 2.93 1.03
N GLY A 9 -7.32 2.88 -0.25
CA GLY A 9 -7.46 4.10 -1.10
C GLY A 9 -6.55 5.19 -0.53
N ARG A 10 -5.45 4.78 0.06
CA ARG A 10 -4.51 5.74 0.68
C ARG A 10 -3.56 6.33 -0.37
N THR A 11 -3.44 5.70 -1.52
CA THR A 11 -2.49 6.19 -2.56
C THR A 11 -1.06 6.06 -2.02
N PHE A 12 -0.11 5.79 -2.89
CA PHE A 12 1.29 5.65 -2.42
C PHE A 12 2.28 6.19 -3.44
N SER A 13 3.24 6.97 -2.98
CA SER A 13 4.26 7.55 -3.91
C SER A 13 5.11 6.43 -4.51
N ASN A 14 5.25 5.33 -3.81
CA ASN A 14 6.07 4.22 -4.35
C ASN A 14 5.56 2.87 -3.86
N GLU A 15 5.67 1.86 -4.69
CA GLU A 15 5.20 0.50 -4.27
C GLU A 15 6.06 -0.02 -3.13
N LYS A 16 7.28 0.43 -3.05
CA LYS A 16 8.18 0.00 -1.94
C LYS A 16 7.52 0.35 -0.61
N GLU A 17 6.76 1.43 -0.59
CA GLU A 17 6.03 1.82 0.64
C GLU A 17 4.81 0.93 0.80
N LEU A 18 4.26 0.46 -0.30
CA LEU A 18 3.07 -0.43 -0.21
C LEU A 18 3.47 -1.70 0.53
N ARG A 19 4.71 -2.12 0.41
CA ARG A 19 5.18 -3.34 1.12
C ARG A 19 4.95 -3.18 2.62
N ASP A 20 5.49 -2.13 3.18
CA ASP A 20 5.30 -1.85 4.64
C ASP A 20 3.82 -1.71 4.94
N PHE A 21 3.10 -1.03 4.08
CA PHE A 21 1.63 -0.88 4.31
C PHE A 21 0.95 -2.25 4.14
N LEU A 22 1.53 -3.10 3.32
CA LEU A 22 0.97 -4.45 3.10
C LEU A 22 1.05 -5.26 4.40
N GLU A 23 2.05 -4.98 5.21
CA GLU A 23 2.18 -5.71 6.52
C GLU A 23 0.91 -5.46 7.34
N THR A 24 0.38 -4.27 7.23
CA THR A 24 -0.89 -3.93 7.96
C THR A 24 -2.06 -4.08 6.99
N PHE A 25 -2.07 -5.15 6.25
CA PHE A 25 -3.15 -5.41 5.25
C PHE A 25 -3.89 -6.69 5.66
N THR A 26 -3.14 -7.70 5.97
CA THR A 26 -3.76 -8.99 6.39
C THR A 26 -3.30 -9.37 7.80
N GLY A 27 -3.01 -8.39 8.62
CA GLY A 27 -2.56 -8.67 10.02
C GLY A 27 -1.20 -9.38 9.98
N ARG A 28 -0.30 -8.90 9.16
CA ARG A 28 1.05 -9.54 9.08
C ARG A 28 2.09 -8.66 9.78
N LYS A 1 -0.74 9.08 -12.31
CA LYS A 1 -1.46 8.10 -11.44
C LYS A 1 -0.48 7.40 -10.50
N PRO A 2 -0.41 7.86 -9.26
CA PRO A 2 0.52 7.25 -8.28
C PRO A 2 0.02 5.86 -7.87
N TYR A 3 0.82 5.10 -7.17
CA TYR A 3 0.39 3.73 -6.73
C TYR A 3 -0.89 3.80 -5.91
N THR A 4 -1.67 2.76 -5.92
CA THR A 4 -2.95 2.77 -5.13
C THR A 4 -3.39 1.34 -4.78
N ALA A 5 -2.68 0.67 -3.90
CA ALA A 5 -3.08 -0.71 -3.51
C ALA A 5 -4.52 -0.72 -2.98
N ARG A 6 -5.28 -1.73 -3.31
CA ARG A 6 -6.68 -1.80 -2.82
C ARG A 6 -6.67 -2.10 -1.31
N ILE A 7 -6.18 -1.17 -0.54
CA ILE A 7 -6.11 -1.38 0.94
C ILE A 7 -6.87 -0.29 1.69
N LYS A 8 -6.73 0.94 1.27
CA LYS A 8 -7.43 2.05 1.99
C LYS A 8 -7.62 3.29 1.09
N GLY A 9 -7.35 3.19 -0.19
CA GLY A 9 -7.50 4.40 -1.07
C GLY A 9 -6.50 5.45 -0.59
N ARG A 10 -5.42 5.01 0.01
CA ARG A 10 -4.41 5.95 0.54
C ARG A 10 -3.46 6.39 -0.58
N THR A 11 -3.38 5.66 -1.65
CA THR A 11 -2.44 6.00 -2.76
C THR A 11 -1.01 5.86 -2.21
N PHE A 12 -0.07 5.49 -3.02
CA PHE A 12 1.32 5.33 -2.51
C PHE A 12 2.34 5.87 -3.50
N SER A 13 3.17 6.78 -3.05
CA SER A 13 4.21 7.37 -3.93
C SER A 13 5.16 6.27 -4.40
N ASN A 14 5.29 5.21 -3.65
CA ASN A 14 6.20 4.10 -4.07
C ASN A 14 5.69 2.75 -3.61
N GLU A 15 5.90 1.74 -4.40
CA GLU A 15 5.44 0.37 -4.03
C GLU A 15 6.16 -0.09 -2.76
N LYS A 16 7.34 0.42 -2.54
CA LYS A 16 8.11 0.05 -1.32
C LYS A 16 7.32 0.47 -0.08
N GLU A 17 6.76 1.64 -0.12
CA GLU A 17 5.93 2.12 1.03
C GLU A 17 4.70 1.24 1.15
N LEU A 18 3.99 1.08 0.05
CA LEU A 18 2.77 0.23 0.07
C LEU A 18 3.15 -1.19 0.50
N ARG A 19 4.31 -1.66 0.12
CA ARG A 19 4.75 -3.03 0.54
C ARG A 19 4.70 -3.11 2.07
N ASP A 20 5.24 -2.13 2.72
CA ASP A 20 5.21 -2.10 4.22
C ASP A 20 3.77 -1.92 4.67
N PHE A 21 3.02 -1.06 4.01
CA PHE A 21 1.59 -0.87 4.38
C PHE A 21 0.85 -2.19 4.15
N LEU A 22 1.30 -2.96 3.19
CA LEU A 22 0.68 -4.29 2.91
C LEU A 22 0.94 -5.21 4.11
N GLU A 23 1.99 -4.96 4.85
CA GLU A 23 2.28 -5.80 6.06
C GLU A 23 1.15 -5.59 7.06
N THR A 24 0.57 -4.42 7.06
CA THR A 24 -0.60 -4.15 7.96
C THR A 24 -1.88 -4.43 7.17
N PHE A 25 -1.88 -5.53 6.47
CA PHE A 25 -3.06 -5.94 5.65
C PHE A 25 -3.42 -7.39 5.98
N THR A 26 -2.96 -7.90 7.09
CA THR A 26 -3.25 -9.32 7.48
C THR A 26 -2.65 -10.26 6.43
N GLY A 27 -1.52 -9.89 5.89
CA GLY A 27 -0.86 -10.75 4.86
C GLY A 27 0.45 -11.32 5.42
N ARG A 28 1.27 -10.48 5.99
CA ARG A 28 2.57 -10.95 6.56
C ARG A 28 2.33 -11.63 7.90
N LYS A 1 -1.45 9.14 -12.28
CA LYS A 1 -1.95 7.86 -11.69
C LYS A 1 -0.95 7.31 -10.66
N PRO A 2 -1.00 7.85 -9.46
CA PRO A 2 -0.07 7.38 -8.39
C PRO A 2 -0.46 5.99 -7.90
N TYR A 3 0.39 5.35 -7.14
CA TYR A 3 0.08 3.98 -6.63
C TYR A 3 -1.13 4.05 -5.69
N THR A 4 -1.55 2.93 -5.13
CA THR A 4 -2.75 2.96 -4.22
C THR A 4 -2.96 1.61 -3.51
N ALA A 5 -2.91 0.52 -4.23
CA ALA A 5 -3.16 -0.83 -3.61
C ALA A 5 -4.59 -0.89 -3.10
N ARG A 6 -5.30 -1.96 -3.39
CA ARG A 6 -6.71 -2.07 -2.90
C ARG A 6 -6.68 -2.33 -1.39
N ILE A 7 -6.23 -1.35 -0.62
CA ILE A 7 -6.15 -1.53 0.86
C ILE A 7 -6.94 -0.44 1.59
N LYS A 8 -6.83 0.79 1.15
CA LYS A 8 -7.55 1.88 1.86
C LYS A 8 -7.72 3.14 0.97
N GLY A 9 -7.38 3.06 -0.29
CA GLY A 9 -7.50 4.27 -1.17
C GLY A 9 -6.57 5.34 -0.62
N ARG A 10 -5.49 4.93 -0.01
CA ARG A 10 -4.53 5.89 0.59
C ARG A 10 -3.56 6.43 -0.48
N THR A 11 -3.45 5.78 -1.61
CA THR A 11 -2.48 6.23 -2.65
C THR A 11 -1.06 6.07 -2.10
N PHE A 12 -0.11 5.77 -2.94
CA PHE A 12 1.29 5.59 -2.43
C PHE A 12 2.31 6.10 -3.43
N SER A 13 3.25 6.88 -2.96
CA SER A 13 4.31 7.44 -3.85
C SER A 13 5.08 6.31 -4.52
N ASN A 14 5.29 5.21 -3.84
CA ASN A 14 6.05 4.09 -4.47
C ASN A 14 5.67 2.73 -3.87
N GLU A 15 5.83 1.69 -4.65
CA GLU A 15 5.50 0.32 -4.15
C GLU A 15 6.39 -0.03 -2.96
N LYS A 16 7.58 0.51 -2.93
CA LYS A 16 8.50 0.25 -1.78
C LYS A 16 7.79 0.60 -0.48
N GLU A 17 6.84 1.50 -0.54
CA GLU A 17 6.07 1.90 0.67
C GLU A 17 4.89 0.97 0.85
N LEU A 18 4.32 0.50 -0.23
CA LEU A 18 3.15 -0.41 -0.12
C LEU A 18 3.54 -1.67 0.65
N ARG A 19 4.66 -2.28 0.34
CA ARG A 19 5.09 -3.51 1.07
C ARG A 19 5.00 -3.29 2.59
N ASP A 20 5.27 -2.10 3.03
CA ASP A 20 5.17 -1.79 4.49
C ASP A 20 3.70 -1.62 4.86
N PHE A 21 2.96 -0.94 4.03
CA PHE A 21 1.51 -0.79 4.30
C PHE A 21 0.81 -2.15 4.15
N LEU A 22 1.38 -3.00 3.33
CA LEU A 22 0.80 -4.35 3.11
C LEU A 22 0.97 -5.20 4.38
N GLU A 23 1.99 -4.92 5.16
CA GLU A 23 2.19 -5.69 6.44
C GLU A 23 0.95 -5.50 7.31
N THR A 24 0.39 -4.32 7.27
CA THR A 24 -0.86 -4.04 8.04
C THR A 24 -2.06 -4.21 7.11
N PHE A 25 -2.08 -5.29 6.38
CA PHE A 25 -3.17 -5.58 5.42
C PHE A 25 -3.78 -6.94 5.75
N THR A 26 -2.95 -7.92 5.91
CA THR A 26 -3.44 -9.30 6.24
C THR A 26 -2.68 -9.85 7.45
N GLY A 27 -2.29 -8.99 8.36
CA GLY A 27 -1.56 -9.47 9.57
C GLY A 27 -0.21 -10.06 9.15
N ARG A 28 0.36 -9.56 8.08
CA ARG A 28 1.67 -10.10 7.60
C ARG A 28 2.82 -9.38 8.32
N LYS A 1 0.85 7.20 -13.22
CA LYS A 1 -0.25 7.24 -12.20
C LYS A 1 0.30 6.86 -10.82
N PRO A 2 -0.28 7.43 -9.78
CA PRO A 2 0.19 7.14 -8.40
C PRO A 2 -0.24 5.73 -7.98
N TYR A 3 0.51 5.10 -7.13
CA TYR A 3 0.18 3.73 -6.66
C TYR A 3 -1.06 3.77 -5.76
N THR A 4 -1.49 2.63 -5.24
CA THR A 4 -2.71 2.65 -4.36
C THR A 4 -2.91 1.32 -3.62
N ALA A 5 -2.90 0.20 -4.31
CA ALA A 5 -3.13 -1.14 -3.65
C ALA A 5 -4.54 -1.18 -3.04
N ARG A 6 -5.27 -2.24 -3.26
CA ARG A 6 -6.64 -2.35 -2.67
C ARG A 6 -6.52 -2.52 -1.15
N ILE A 7 -6.05 -1.52 -0.47
CA ILE A 7 -5.84 -1.61 1.00
C ILE A 7 -6.72 -0.62 1.77
N LYS A 8 -6.46 0.65 1.63
CA LYS A 8 -7.25 1.67 2.37
C LYS A 8 -7.53 2.91 1.52
N GLY A 9 -7.23 2.87 0.25
CA GLY A 9 -7.45 4.07 -0.62
C GLY A 9 -6.49 5.16 -0.15
N ARG A 10 -5.35 4.76 0.36
CA ARG A 10 -4.37 5.74 0.88
C ARG A 10 -3.47 6.26 -0.26
N THR A 11 -3.42 5.57 -1.37
CA THR A 11 -2.53 5.99 -2.48
C THR A 11 -1.07 5.87 -2.02
N PHE A 12 -0.16 5.59 -2.90
CA PHE A 12 1.26 5.45 -2.47
C PHE A 12 2.22 5.96 -3.54
N SER A 13 3.18 6.75 -3.14
CA SER A 13 4.17 7.29 -4.12
C SER A 13 5.01 6.15 -4.69
N ASN A 14 5.25 5.12 -3.89
CA ASN A 14 6.05 3.98 -4.40
C ASN A 14 5.60 2.66 -3.76
N GLU A 15 5.72 1.58 -4.49
CA GLU A 15 5.32 0.25 -3.95
C GLU A 15 6.16 -0.09 -2.73
N LYS A 16 7.39 0.38 -2.71
CA LYS A 16 8.29 0.12 -1.55
C LYS A 16 7.58 0.54 -0.27
N GLU A 17 6.80 1.58 -0.36
CA GLU A 17 6.02 2.05 0.81
C GLU A 17 4.80 1.14 0.95
N LEU A 18 4.25 0.74 -0.16
CA LEU A 18 3.07 -0.17 -0.14
C LEU A 18 3.48 -1.49 0.52
N ARG A 19 4.73 -1.87 0.41
CA ARG A 19 5.20 -3.13 1.07
C ARG A 19 4.92 -3.04 2.57
N ASP A 20 5.48 -2.02 3.19
CA ASP A 20 5.25 -1.80 4.65
C ASP A 20 3.75 -1.66 4.92
N PHE A 21 3.06 -0.99 4.03
CA PHE A 21 1.59 -0.84 4.20
C PHE A 21 0.92 -2.21 4.01
N LEU A 22 1.51 -3.05 3.20
CA LEU A 22 0.95 -4.41 2.95
C LEU A 22 0.93 -5.21 4.24
N GLU A 23 1.87 -4.94 5.12
CA GLU A 23 1.90 -5.69 6.41
C GLU A 23 0.66 -5.34 7.22
N THR A 24 0.27 -4.08 7.17
CA THR A 24 -0.97 -3.66 7.89
C THR A 24 -2.11 -3.61 6.88
N PHE A 25 -2.23 -4.65 6.11
CA PHE A 25 -3.29 -4.71 5.05
C PHE A 25 -3.85 -6.13 4.95
N THR A 26 -2.98 -7.09 4.90
CA THR A 26 -3.42 -8.51 4.78
C THR A 26 -3.31 -9.23 6.13
N GLY A 27 -3.34 -8.50 7.22
CA GLY A 27 -3.23 -9.13 8.56
C GLY A 27 -1.90 -9.88 8.69
N ARG A 28 -0.87 -9.39 8.04
CA ARG A 28 0.46 -10.08 8.12
C ARG A 28 1.15 -9.74 9.44
N LYS A 1 -1.30 7.90 -12.72
CA LYS A 1 -1.86 7.82 -11.34
C LYS A 1 -0.83 7.16 -10.40
N PRO A 2 -0.82 7.60 -9.15
CA PRO A 2 0.14 7.03 -8.17
C PRO A 2 -0.30 5.63 -7.74
N TYR A 3 0.55 4.92 -7.05
CA TYR A 3 0.21 3.55 -6.58
C TYR A 3 -1.00 3.62 -5.63
N THR A 4 -1.53 2.49 -5.21
CA THR A 4 -2.72 2.54 -4.30
C THR A 4 -2.93 1.22 -3.54
N ALA A 5 -2.95 0.11 -4.23
CA ALA A 5 -3.20 -1.22 -3.56
C ALA A 5 -4.61 -1.24 -2.95
N ARG A 6 -5.34 -2.32 -3.13
CA ARG A 6 -6.71 -2.39 -2.55
C ARG A 6 -6.61 -2.50 -1.03
N ILE A 7 -6.22 -1.44 -0.37
CA ILE A 7 -6.06 -1.46 1.11
C ILE A 7 -6.96 -0.44 1.81
N LYS A 8 -6.69 0.82 1.59
CA LYS A 8 -7.47 1.88 2.28
C LYS A 8 -7.68 3.10 1.36
N GLY A 9 -7.37 2.97 0.10
CA GLY A 9 -7.51 4.15 -0.81
C GLY A 9 -6.52 5.22 -0.35
N ARG A 10 -5.44 4.79 0.27
CA ARG A 10 -4.43 5.74 0.77
C ARG A 10 -3.51 6.22 -0.36
N THR A 11 -3.48 5.52 -1.47
CA THR A 11 -2.58 5.90 -2.58
C THR A 11 -1.13 5.74 -2.09
N PHE A 12 -0.21 5.44 -2.98
CA PHE A 12 1.19 5.27 -2.52
C PHE A 12 2.18 5.80 -3.56
N SER A 13 3.07 6.66 -3.12
CA SER A 13 4.08 7.25 -4.04
C SER A 13 5.03 6.16 -4.55
N ASN A 14 5.26 5.14 -3.75
CA ASN A 14 6.18 4.06 -4.22
C ASN A 14 5.82 2.70 -3.61
N GLU A 15 6.03 1.64 -4.36
CA GLU A 15 5.72 0.27 -3.85
C GLU A 15 6.53 -0.01 -2.59
N LYS A 16 7.68 0.58 -2.47
CA LYS A 16 8.51 0.38 -1.25
C LYS A 16 7.71 0.76 -0.01
N GLU A 17 6.81 1.70 -0.17
CA GLU A 17 5.95 2.12 0.97
C GLU A 17 4.74 1.20 1.04
N LEU A 18 4.09 0.98 -0.07
CA LEU A 18 2.90 0.06 -0.10
C LEU A 18 3.34 -1.32 0.40
N ARG A 19 4.57 -1.69 0.15
CA ARG A 19 5.08 -3.02 0.63
C ARG A 19 4.95 -3.07 2.15
N ASP A 20 5.48 -2.08 2.82
CA ASP A 20 5.37 -2.04 4.31
C ASP A 20 3.90 -1.90 4.69
N PHE A 21 3.17 -1.11 3.96
CA PHE A 21 1.71 -0.96 4.24
C PHE A 21 1.00 -2.30 4.01
N LEU A 22 1.52 -3.07 3.09
CA LEU A 22 0.92 -4.40 2.78
C LEU A 22 0.96 -5.29 4.03
N GLU A 23 1.96 -5.10 4.86
CA GLU A 23 2.06 -5.94 6.10
C GLU A 23 0.89 -5.58 7.02
N THR A 24 0.57 -4.32 7.12
CA THR A 24 -0.58 -3.89 7.96
C THR A 24 -1.79 -3.70 7.05
N PHE A 25 -2.04 -4.66 6.21
CA PHE A 25 -3.18 -4.56 5.25
C PHE A 25 -3.92 -5.90 5.18
N THR A 26 -3.19 -6.97 5.07
CA THR A 26 -3.83 -8.32 4.98
C THR A 26 -3.78 -9.02 6.34
N GLY A 27 -3.74 -8.27 7.41
CA GLY A 27 -3.69 -8.88 8.77
C GLY A 27 -2.40 -9.69 8.93
N ARG A 28 -1.30 -9.16 8.46
CA ARG A 28 0.00 -9.90 8.57
C ARG A 28 0.92 -9.21 9.58
N LYS A 1 -0.45 9.14 -12.95
CA LYS A 1 -1.13 7.92 -12.41
C LYS A 1 -0.42 7.45 -11.13
N PRO A 2 -0.82 8.01 -10.01
CA PRO A 2 -0.19 7.63 -8.71
C PRO A 2 -0.64 6.23 -8.29
N TYR A 3 0.08 5.60 -7.41
CA TYR A 3 -0.31 4.24 -6.94
C TYR A 3 -1.55 4.30 -6.06
N THR A 4 -2.21 3.19 -5.89
CA THR A 4 -3.44 3.16 -5.04
C THR A 4 -3.95 1.72 -4.89
N ALA A 5 -3.25 0.89 -4.15
CA ALA A 5 -3.69 -0.54 -3.98
C ALA A 5 -5.18 -0.62 -3.61
N ARG A 6 -5.84 -1.67 -4.02
CA ARG A 6 -7.29 -1.81 -3.71
C ARG A 6 -7.47 -2.32 -2.27
N ILE A 7 -6.90 -1.64 -1.30
CA ILE A 7 -7.04 -2.07 0.11
C ILE A 7 -7.55 -0.94 1.00
N LYS A 8 -6.99 0.24 0.87
CA LYS A 8 -7.43 1.37 1.75
C LYS A 8 -7.40 2.72 1.00
N GLY A 9 -6.99 2.75 -0.24
CA GLY A 9 -6.94 4.04 -0.97
C GLY A 9 -5.81 4.90 -0.38
N ARG A 10 -4.85 4.28 0.27
CA ARG A 10 -3.72 5.04 0.87
C ARG A 10 -3.00 5.83 -0.25
N THR A 11 -3.02 5.30 -1.46
CA THR A 11 -2.34 5.92 -2.65
C THR A 11 -0.85 5.54 -2.69
N PHE A 12 -0.28 5.18 -1.56
CA PHE A 12 1.14 4.74 -1.50
C PHE A 12 2.10 5.74 -2.14
N SER A 13 2.99 6.31 -1.35
CA SER A 13 3.98 7.28 -1.91
C SER A 13 4.76 6.61 -3.05
N ASN A 14 4.92 5.31 -2.97
CA ASN A 14 5.64 4.56 -4.04
C ASN A 14 5.32 3.07 -3.90
N GLU A 15 5.48 2.31 -4.95
CA GLU A 15 5.18 0.84 -4.86
C GLU A 15 5.99 0.19 -3.75
N LYS A 16 7.11 0.78 -3.41
CA LYS A 16 7.95 0.23 -2.30
C LYS A 16 7.16 0.31 -0.99
N GLU A 17 6.31 1.30 -0.87
CA GLU A 17 5.48 1.45 0.37
C GLU A 17 4.61 0.21 0.58
N LEU A 18 4.36 -0.55 -0.46
CA LEU A 18 3.50 -1.77 -0.30
C LEU A 18 4.14 -2.73 0.69
N ARG A 19 5.46 -2.77 0.74
CA ARG A 19 6.15 -3.68 1.69
C ARG A 19 5.81 -3.28 3.13
N ASP A 20 6.08 -2.04 3.49
CA ASP A 20 5.75 -1.57 4.87
C ASP A 20 4.24 -1.62 5.06
N PHE A 21 3.50 -1.32 4.04
CA PHE A 21 2.03 -1.38 4.15
C PHE A 21 1.60 -2.83 4.33
N LEU A 22 2.29 -3.74 3.66
CA LEU A 22 1.97 -5.21 3.73
C LEU A 22 1.74 -5.62 5.19
N GLU A 23 2.44 -5.01 6.10
CA GLU A 23 2.23 -5.33 7.54
C GLU A 23 0.85 -4.79 7.93
N THR A 24 0.59 -3.57 7.58
CA THR A 24 -0.75 -2.97 7.86
C THR A 24 -1.58 -3.00 6.57
N PHE A 25 -1.58 -4.13 5.91
CA PHE A 25 -2.31 -4.28 4.61
C PHE A 25 -3.32 -5.43 4.67
N THR A 26 -3.16 -6.34 5.60
CA THR A 26 -4.09 -7.49 5.71
C THR A 26 -4.26 -7.90 7.17
N GLY A 27 -4.17 -6.95 8.08
CA GLY A 27 -4.31 -7.27 9.53
C GLY A 27 -3.15 -8.16 9.97
N ARG A 28 -1.99 -7.95 9.40
CA ARG A 28 -0.81 -8.78 9.77
C ARG A 28 -0.05 -8.14 10.94
N LYS A 1 1.05 6.70 -13.54
CA LYS A 1 -0.01 6.74 -12.50
C LYS A 1 0.60 6.42 -11.11
N PRO A 2 0.10 7.07 -10.08
CA PRO A 2 0.63 6.82 -8.72
C PRO A 2 0.15 5.46 -8.20
N TYR A 3 0.82 4.92 -7.22
CA TYR A 3 0.43 3.60 -6.66
C TYR A 3 -0.82 3.75 -5.79
N THR A 4 -1.67 2.74 -5.76
CA THR A 4 -2.92 2.83 -4.95
C THR A 4 -3.46 1.43 -4.64
N ALA A 5 -2.84 0.72 -3.72
CA ALA A 5 -3.32 -0.66 -3.36
C ALA A 5 -4.83 -0.67 -3.09
N ARG A 6 -5.49 -1.72 -3.48
CA ARG A 6 -6.96 -1.80 -3.24
C ARG A 6 -7.24 -2.04 -1.76
N ILE A 7 -6.84 -1.12 -0.91
CA ILE A 7 -7.06 -1.29 0.56
C ILE A 7 -7.79 -0.08 1.14
N LYS A 8 -7.41 1.11 0.74
CA LYS A 8 -8.06 2.33 1.32
C LYS A 8 -7.93 3.55 0.38
N GLY A 9 -7.43 3.37 -0.82
CA GLY A 9 -7.26 4.54 -1.71
C GLY A 9 -6.23 5.47 -1.08
N ARG A 10 -5.44 4.98 -0.15
CA ARG A 10 -4.43 5.83 0.52
C ARG A 10 -3.43 6.36 -0.52
N THR A 11 -3.29 5.67 -1.62
CA THR A 11 -2.32 6.10 -2.68
C THR A 11 -0.91 6.00 -2.07
N PHE A 12 -0.01 5.37 -2.76
CA PHE A 12 1.36 5.20 -2.20
C PHE A 12 2.41 5.78 -3.15
N SER A 13 3.11 6.79 -2.70
CA SER A 13 4.15 7.44 -3.56
C SER A 13 5.12 6.39 -4.14
N ASN A 14 5.26 5.27 -3.48
CA ASN A 14 6.17 4.22 -3.99
C ASN A 14 5.71 2.83 -3.54
N GLU A 15 5.95 1.83 -4.36
CA GLU A 15 5.53 0.44 -4.00
C GLU A 15 6.20 0.03 -2.69
N LYS A 16 7.37 0.55 -2.44
CA LYS A 16 8.09 0.22 -1.18
C LYS A 16 7.26 0.65 0.03
N GLU A 17 6.44 1.66 -0.13
CA GLU A 17 5.57 2.13 0.99
C GLU A 17 4.39 1.17 1.11
N LEU A 18 3.67 1.00 0.05
CA LEU A 18 2.50 0.08 0.07
C LEU A 18 2.97 -1.33 0.44
N ARG A 19 4.13 -1.72 0.00
CA ARG A 19 4.65 -3.08 0.35
C ARG A 19 4.74 -3.20 1.86
N ASP A 20 5.47 -2.31 2.49
CA ASP A 20 5.59 -2.32 3.98
C ASP A 20 4.21 -2.12 4.57
N PHE A 21 3.43 -1.26 3.97
CA PHE A 21 2.04 -1.04 4.47
C PHE A 21 1.24 -2.34 4.31
N LEU A 22 1.59 -3.12 3.31
CA LEU A 22 0.89 -4.43 3.07
C LEU A 22 1.27 -5.43 4.17
N GLU A 23 2.37 -5.21 4.84
CA GLU A 23 2.77 -6.16 5.92
C GLU A 23 1.75 -6.07 7.06
N THR A 24 1.27 -4.89 7.30
CA THR A 24 0.24 -4.69 8.38
C THR A 24 -1.15 -4.59 7.76
N PHE A 25 -1.45 -5.44 6.83
CA PHE A 25 -2.79 -5.41 6.16
C PHE A 25 -3.57 -6.68 6.46
N THR A 26 -2.88 -7.76 6.63
CA THR A 26 -3.56 -9.06 6.94
C THR A 26 -2.79 -9.82 8.03
N GLY A 27 -2.10 -9.10 8.89
CA GLY A 27 -1.33 -9.77 9.97
C GLY A 27 -0.21 -10.63 9.37
N ARG A 28 0.46 -10.12 8.37
CA ARG A 28 1.56 -10.91 7.72
C ARG A 28 2.79 -10.94 8.64
N LYS A 1 -1.58 8.88 -12.11
CA LYS A 1 -2.18 7.86 -11.21
C LYS A 1 -1.09 7.20 -10.35
N PRO A 2 -0.95 7.66 -9.12
CA PRO A 2 0.08 7.10 -8.22
C PRO A 2 -0.34 5.69 -7.75
N TYR A 3 0.55 4.98 -7.11
CA TYR A 3 0.22 3.61 -6.61
C TYR A 3 -1.05 3.63 -5.75
N THR A 4 -1.82 2.57 -5.79
CA THR A 4 -3.09 2.53 -4.98
C THR A 4 -3.49 1.08 -4.67
N ALA A 5 -2.76 0.42 -3.80
CA ALA A 5 -3.11 -0.99 -3.44
C ALA A 5 -4.55 -1.05 -2.89
N ARG A 6 -5.24 -2.14 -3.13
CA ARG A 6 -6.63 -2.27 -2.60
C ARG A 6 -6.58 -2.43 -1.08
N ILE A 7 -6.21 -1.39 -0.39
CA ILE A 7 -6.08 -1.45 1.09
C ILE A 7 -7.00 -0.43 1.77
N LYS A 8 -6.73 0.83 1.54
CA LYS A 8 -7.53 1.90 2.21
C LYS A 8 -7.72 3.10 1.30
N GLY A 9 -7.37 3.01 0.03
CA GLY A 9 -7.49 4.19 -0.87
C GLY A 9 -6.49 5.24 -0.38
N ARG A 10 -5.44 4.80 0.29
CA ARG A 10 -4.42 5.73 0.81
C ARG A 10 -3.49 6.18 -0.32
N THR A 11 -3.41 5.39 -1.38
CA THR A 11 -2.48 5.73 -2.49
C THR A 11 -1.04 5.67 -1.95
N PHE A 12 -0.08 5.38 -2.79
CA PHE A 12 1.32 5.29 -2.30
C PHE A 12 2.31 5.81 -3.33
N SER A 13 3.16 6.72 -2.92
CA SER A 13 4.16 7.30 -3.86
C SER A 13 5.06 6.19 -4.40
N ASN A 14 5.23 5.11 -3.68
CA ASN A 14 6.11 4.02 -4.18
C ASN A 14 5.71 2.66 -3.61
N GLU A 15 5.93 1.62 -4.38
CA GLU A 15 5.59 0.24 -3.90
C GLU A 15 6.42 -0.11 -2.67
N LYS A 16 7.59 0.47 -2.55
CA LYS A 16 8.45 0.21 -1.37
C LYS A 16 7.69 0.62 -0.10
N GLU A 17 6.87 1.62 -0.21
CA GLU A 17 6.05 2.07 0.95
C GLU A 17 4.82 1.17 1.06
N LEU A 18 4.15 0.98 -0.05
CA LEU A 18 2.94 0.09 -0.05
C LEU A 18 3.35 -1.30 0.43
N ARG A 19 4.58 -1.68 0.18
CA ARG A 19 5.05 -3.03 0.67
C ARG A 19 4.92 -3.08 2.19
N ASP A 20 5.47 -2.10 2.87
CA ASP A 20 5.35 -2.04 4.35
C ASP A 20 3.87 -1.86 4.72
N PHE A 21 3.15 -1.07 3.97
CA PHE A 21 1.70 -0.89 4.26
C PHE A 21 0.99 -2.23 4.03
N LEU A 22 1.50 -3.02 3.12
CA LEU A 22 0.89 -4.35 2.83
C LEU A 22 0.94 -5.23 4.09
N GLU A 23 1.93 -5.03 4.92
CA GLU A 23 2.03 -5.84 6.17
C GLU A 23 0.88 -5.45 7.10
N THR A 24 0.49 -4.20 7.06
CA THR A 24 -0.66 -3.75 7.89
C THR A 24 -1.89 -3.70 6.98
N PHE A 25 -2.04 -4.72 6.18
CA PHE A 25 -3.17 -4.80 5.23
C PHE A 25 -3.60 -6.27 5.09
N THR A 26 -3.39 -7.04 6.12
CA THR A 26 -3.79 -8.49 6.10
C THR A 26 -3.01 -9.22 4.99
N GLY A 27 -1.78 -8.83 4.78
CA GLY A 27 -0.95 -9.49 3.73
C GLY A 27 0.14 -10.34 4.38
N ARG A 28 0.57 -9.96 5.56
CA ARG A 28 1.63 -10.74 6.26
C ARG A 28 1.01 -11.96 6.95
N LYS A 1 -1.31 9.38 -11.78
CA LYS A 1 -1.99 8.46 -10.81
C LYS A 1 -0.93 7.70 -9.98
N PRO A 2 -0.82 8.04 -8.72
CA PRO A 2 0.17 7.36 -7.85
C PRO A 2 -0.27 5.92 -7.57
N TYR A 3 0.62 5.10 -7.07
CA TYR A 3 0.25 3.68 -6.77
C TYR A 3 -0.95 3.62 -5.82
N THR A 4 -1.92 2.79 -6.11
CA THR A 4 -3.12 2.71 -5.22
C THR A 4 -3.47 1.24 -4.91
N ALA A 5 -2.75 0.63 -4.01
CA ALA A 5 -3.04 -0.79 -3.64
C ALA A 5 -4.48 -0.90 -3.13
N ARG A 6 -5.14 -2.02 -3.35
CA ARG A 6 -6.53 -2.19 -2.85
C ARG A 6 -6.50 -2.37 -1.33
N ILE A 7 -6.09 -1.35 -0.63
CA ILE A 7 -5.96 -1.43 0.86
C ILE A 7 -6.90 -0.46 1.56
N LYS A 8 -6.68 0.82 1.38
CA LYS A 8 -7.51 1.83 2.09
C LYS A 8 -7.74 3.07 1.23
N GLY A 9 -7.34 3.05 -0.03
CA GLY A 9 -7.51 4.27 -0.88
C GLY A 9 -6.54 5.33 -0.36
N ARG A 10 -5.45 4.91 0.25
CA ARG A 10 -4.46 5.88 0.78
C ARG A 10 -3.52 6.33 -0.34
N THR A 11 -3.42 5.57 -1.41
CA THR A 11 -2.49 5.93 -2.51
C THR A 11 -1.05 5.89 -1.97
N PHE A 12 -0.10 5.56 -2.79
CA PHE A 12 1.31 5.49 -2.30
C PHE A 12 2.29 5.96 -3.36
N SER A 13 3.22 6.79 -2.95
CA SER A 13 4.24 7.32 -3.91
C SER A 13 5.12 6.18 -4.43
N ASN A 14 5.26 5.13 -3.66
CA ASN A 14 6.12 3.99 -4.11
C ASN A 14 5.64 2.65 -3.55
N GLU A 15 5.80 1.61 -4.32
CA GLU A 15 5.37 0.25 -3.85
C GLU A 15 6.21 -0.17 -2.66
N LYS A 16 7.41 0.35 -2.55
CA LYS A 16 8.29 0.00 -1.39
C LYS A 16 7.59 0.42 -0.11
N GLU A 17 6.85 1.49 -0.17
CA GLU A 17 6.10 1.96 1.02
C GLU A 17 4.84 1.12 1.15
N LEU A 18 4.19 0.88 0.04
CA LEU A 18 2.95 0.07 0.07
C LEU A 18 3.25 -1.35 0.54
N ARG A 19 4.37 -1.89 0.14
CA ARG A 19 4.74 -3.28 0.60
C ARG A 19 4.68 -3.30 2.13
N ASP A 20 5.24 -2.29 2.74
CA ASP A 20 5.20 -2.19 4.22
C ASP A 20 3.76 -1.95 4.67
N PHE A 21 3.04 -1.10 3.97
CA PHE A 21 1.62 -0.84 4.34
C PHE A 21 0.83 -2.15 4.19
N LEU A 22 1.15 -2.90 3.17
CA LEU A 22 0.47 -4.21 2.93
C LEU A 22 0.66 -5.11 4.16
N GLU A 23 1.76 -4.95 4.84
CA GLU A 23 2.04 -5.79 6.04
C GLU A 23 1.05 -5.46 7.14
N THR A 24 0.61 -4.22 7.21
CA THR A 24 -0.41 -3.83 8.23
C THR A 24 -1.78 -3.86 7.53
N PHE A 25 -2.01 -4.90 6.78
CA PHE A 25 -3.27 -5.04 6.02
C PHE A 25 -3.57 -6.53 5.84
N THR A 26 -2.59 -7.28 5.44
CA THR A 26 -2.79 -8.75 5.24
C THR A 26 -2.49 -9.52 6.55
N GLY A 27 -2.43 -8.86 7.67
CA GLY A 27 -2.15 -9.55 8.96
C GLY A 27 -0.78 -10.22 8.89
N ARG A 28 0.19 -9.58 8.27
CA ARG A 28 1.55 -10.18 8.17
C ARG A 28 2.49 -9.54 9.19
N LYS A 1 -1.69 9.27 -11.79
CA LYS A 1 -2.24 8.11 -11.03
C LYS A 1 -1.10 7.29 -10.42
N PRO A 2 -0.67 7.68 -9.24
CA PRO A 2 0.44 6.95 -8.56
C PRO A 2 -0.05 5.59 -8.04
N TYR A 3 0.75 4.95 -7.23
CA TYR A 3 0.35 3.63 -6.68
C TYR A 3 -0.88 3.76 -5.78
N THR A 4 -1.74 2.77 -5.77
CA THR A 4 -2.97 2.84 -4.93
C THR A 4 -3.50 1.44 -4.63
N ALA A 5 -2.88 0.72 -3.71
CA ALA A 5 -3.35 -0.66 -3.36
C ALA A 5 -4.87 -0.68 -3.09
N ARG A 6 -5.56 -1.72 -3.50
CA ARG A 6 -7.03 -1.79 -3.26
C ARG A 6 -7.31 -2.04 -1.77
N ILE A 7 -6.86 -1.16 -0.91
CA ILE A 7 -7.08 -1.35 0.56
C ILE A 7 -7.78 -0.14 1.19
N LYS A 8 -7.74 1.00 0.54
CA LYS A 8 -8.34 2.22 1.14
C LYS A 8 -8.29 3.38 0.15
N GLY A 9 -7.27 3.41 -0.67
CA GLY A 9 -7.10 4.52 -1.62
C GLY A 9 -6.07 5.51 -1.03
N ARG A 10 -5.33 5.08 -0.02
CA ARG A 10 -4.31 5.97 0.60
C ARG A 10 -3.34 6.46 -0.47
N THR A 11 -3.23 5.74 -1.56
CA THR A 11 -2.27 6.13 -2.63
C THR A 11 -0.85 6.03 -2.06
N PHE A 12 0.02 5.38 -2.77
CA PHE A 12 1.40 5.19 -2.23
C PHE A 12 2.44 5.75 -3.20
N SER A 13 3.16 6.76 -2.76
CA SER A 13 4.20 7.38 -3.63
C SER A 13 5.14 6.33 -4.21
N ASN A 14 5.28 5.21 -3.53
CA ASN A 14 6.18 4.14 -4.04
C ASN A 14 5.72 2.77 -3.53
N GLU A 15 5.90 1.75 -4.35
CA GLU A 15 5.50 0.37 -3.93
C GLU A 15 6.21 -0.01 -2.65
N LYS A 16 7.37 0.55 -2.42
CA LYS A 16 8.13 0.26 -1.17
C LYS A 16 7.30 0.69 0.04
N GLU A 17 6.47 1.68 -0.13
CA GLU A 17 5.60 2.15 0.99
C GLU A 17 4.42 1.20 1.12
N LEU A 18 3.68 1.04 0.05
CA LEU A 18 2.51 0.11 0.08
C LEU A 18 2.98 -1.29 0.45
N ARG A 19 4.16 -1.68 0.03
CA ARG A 19 4.68 -3.03 0.39
C ARG A 19 4.76 -3.14 1.92
N ASP A 20 5.52 -2.27 2.54
CA ASP A 20 5.62 -2.27 4.03
C ASP A 20 4.23 -2.07 4.61
N PHE A 21 3.45 -1.23 3.99
CA PHE A 21 2.06 -1.02 4.48
C PHE A 21 1.26 -2.31 4.29
N LEU A 22 1.64 -3.11 3.32
CA LEU A 22 0.93 -4.41 3.06
C LEU A 22 1.27 -5.42 4.16
N GLU A 23 2.38 -5.24 4.85
CA GLU A 23 2.74 -6.21 5.92
C GLU A 23 1.71 -6.09 7.06
N THR A 24 1.25 -4.89 7.30
CA THR A 24 0.24 -4.69 8.37
C THR A 24 -1.16 -4.57 7.76
N PHE A 25 -1.46 -5.44 6.82
CA PHE A 25 -2.80 -5.41 6.16
C PHE A 25 -3.56 -6.70 6.48
N THR A 26 -2.85 -7.78 6.59
CA THR A 26 -3.51 -9.09 6.91
C THR A 26 -2.69 -9.86 7.93
N GLY A 27 -2.11 -9.17 8.88
CA GLY A 27 -1.29 -9.87 9.92
C GLY A 27 -0.09 -10.55 9.26
N ARG A 28 0.50 -9.92 8.27
CA ARG A 28 1.67 -10.52 7.58
C ARG A 28 2.97 -10.01 8.20
N LYS A 1 -0.54 6.25 -14.36
CA LYS A 1 -1.31 6.47 -13.11
C LYS A 1 -0.44 6.18 -11.89
N PRO A 2 -0.67 6.90 -10.80
CA PRO A 2 0.13 6.68 -9.57
C PRO A 2 -0.28 5.37 -8.90
N TYR A 3 0.38 5.00 -7.84
CA TYR A 3 0.05 3.73 -7.13
C TYR A 3 -1.24 3.91 -6.34
N THR A 4 -1.89 2.83 -5.97
CA THR A 4 -3.16 2.93 -5.19
C THR A 4 -3.62 1.52 -4.77
N ALA A 5 -2.94 0.92 -3.83
CA ALA A 5 -3.34 -0.46 -3.36
C ALA A 5 -4.84 -0.56 -3.09
N ARG A 6 -5.35 -1.76 -3.00
CA ARG A 6 -6.80 -1.94 -2.73
C ARG A 6 -7.05 -2.07 -1.23
N ILE A 7 -6.40 -1.25 -0.43
CA ILE A 7 -6.60 -1.33 1.04
C ILE A 7 -7.29 -0.06 1.56
N LYS A 8 -6.90 1.08 1.07
CA LYS A 8 -7.50 2.35 1.56
C LYS A 8 -7.41 3.48 0.54
N GLY A 9 -7.01 3.20 -0.69
CA GLY A 9 -6.88 4.30 -1.69
C GLY A 9 -5.81 5.27 -1.19
N ARG A 10 -4.90 4.78 -0.36
CA ARG A 10 -3.83 5.67 0.19
C ARG A 10 -3.02 6.28 -0.97
N THR A 11 -3.00 5.61 -2.11
CA THR A 11 -2.22 6.07 -3.32
C THR A 11 -0.73 5.66 -3.22
N PHE A 12 -0.23 5.53 -2.02
CA PHE A 12 1.17 5.08 -1.78
C PHE A 12 2.19 5.93 -2.55
N SER A 13 3.05 6.61 -1.82
CA SER A 13 4.11 7.45 -2.47
C SER A 13 4.90 6.59 -3.46
N ASN A 14 4.98 5.29 -3.21
CA ASN A 14 5.70 4.39 -4.12
C ASN A 14 5.36 2.93 -3.79
N GLU A 15 5.73 2.02 -4.65
CA GLU A 15 5.43 0.58 -4.38
C GLU A 15 6.12 0.12 -3.10
N LYS A 16 7.22 0.74 -2.76
CA LYS A 16 7.94 0.38 -1.52
C LYS A 16 7.04 0.61 -0.30
N GLU A 17 6.14 1.56 -0.41
CA GLU A 17 5.21 1.86 0.72
C GLU A 17 4.18 0.75 0.85
N LEU A 18 3.57 0.35 -0.25
CA LEU A 18 2.54 -0.73 -0.18
C LEU A 18 3.12 -1.97 0.49
N ARG A 19 4.39 -2.20 0.33
CA ARG A 19 5.03 -3.39 0.98
C ARG A 19 4.93 -3.25 2.50
N ASP A 20 5.55 -2.24 3.03
CA ASP A 20 5.48 -2.00 4.51
C ASP A 20 4.02 -1.86 4.94
N PHE A 21 3.21 -1.30 4.08
CA PHE A 21 1.76 -1.15 4.41
C PHE A 21 1.08 -2.52 4.31
N LEU A 22 1.60 -3.38 3.46
CA LEU A 22 1.00 -4.74 3.30
C LEU A 22 1.12 -5.52 4.60
N GLU A 23 2.19 -5.30 5.33
CA GLU A 23 2.38 -6.03 6.62
C GLU A 23 1.26 -5.62 7.59
N THR A 24 0.84 -4.40 7.51
CA THR A 24 -0.29 -3.93 8.36
C THR A 24 -1.54 -3.96 7.48
N PHE A 25 -1.70 -5.05 6.77
CA PHE A 25 -2.84 -5.20 5.84
C PHE A 25 -3.06 -6.69 5.57
N THR A 26 -2.85 -7.49 6.58
CA THR A 26 -3.04 -8.98 6.44
C THR A 26 -2.08 -9.52 5.38
N GLY A 27 -0.87 -9.00 5.33
CA GLY A 27 0.11 -9.49 4.33
C GLY A 27 1.15 -10.38 5.03
N ARG A 28 1.43 -10.11 6.27
CA ARG A 28 2.43 -10.94 7.02
C ARG A 28 1.70 -11.84 8.03
N LYS A 1 -1.22 8.79 -12.97
CA LYS A 1 -1.92 7.87 -12.03
C LYS A 1 -0.92 7.24 -11.05
N PRO A 2 -0.88 7.74 -9.83
CA PRO A 2 0.05 7.19 -8.82
C PRO A 2 -0.41 5.80 -8.36
N TYR A 3 0.31 5.21 -7.44
CA TYR A 3 -0.06 3.86 -6.95
C TYR A 3 -1.30 3.96 -6.04
N THR A 4 -1.76 2.86 -5.46
CA THR A 4 -2.99 2.95 -4.59
C THR A 4 -3.25 1.65 -3.81
N ALA A 5 -3.04 0.50 -4.42
CA ALA A 5 -3.32 -0.81 -3.71
C ALA A 5 -4.80 -0.90 -3.31
N ARG A 6 -5.32 -2.09 -3.20
CA ARG A 6 -6.73 -2.26 -2.82
C ARG A 6 -6.89 -2.33 -1.30
N ILE A 7 -6.23 -1.46 -0.57
CA ILE A 7 -6.35 -1.50 0.92
C ILE A 7 -7.09 -0.28 1.48
N LYS A 8 -6.75 0.90 1.02
CA LYS A 8 -7.43 2.13 1.55
C LYS A 8 -7.34 3.30 0.58
N GLY A 9 -6.90 3.09 -0.64
CA GLY A 9 -6.76 4.23 -1.59
C GLY A 9 -5.75 5.23 -1.03
N ARG A 10 -4.82 4.75 -0.23
CA ARG A 10 -3.81 5.67 0.37
C ARG A 10 -2.98 6.35 -0.75
N THR A 11 -2.99 5.79 -1.96
CA THR A 11 -2.23 6.35 -3.14
C THR A 11 -0.76 5.88 -3.13
N PHE A 12 -0.17 5.76 -1.97
CA PHE A 12 1.23 5.28 -1.84
C PHE A 12 2.20 6.08 -2.70
N SER A 13 3.07 6.84 -2.08
CA SER A 13 4.07 7.64 -2.84
C SER A 13 4.89 6.71 -3.73
N ASN A 14 5.05 5.47 -3.32
CA ASN A 14 5.83 4.49 -4.13
C ASN A 14 5.37 3.06 -3.81
N GLU A 15 5.52 2.16 -4.75
CA GLU A 15 5.10 0.75 -4.50
C GLU A 15 5.84 0.18 -3.29
N LYS A 16 7.04 0.66 -3.06
CA LYS A 16 7.82 0.18 -1.89
C LYS A 16 7.04 0.47 -0.60
N GLU A 17 6.20 1.47 -0.62
CA GLU A 17 5.38 1.79 0.59
C GLU A 17 4.30 0.73 0.76
N LEU A 18 3.77 0.21 -0.33
CA LEU A 18 2.71 -0.82 -0.23
C LEU A 18 3.26 -2.04 0.53
N ARG A 19 4.55 -2.27 0.46
CA ARG A 19 5.16 -3.42 1.19
C ARG A 19 4.97 -3.21 2.68
N ASP A 20 5.62 -2.20 3.21
CA ASP A 20 5.50 -1.88 4.68
C ASP A 20 4.02 -1.74 5.05
N PHE A 21 3.22 -1.29 4.12
CA PHE A 21 1.76 -1.17 4.40
C PHE A 21 1.12 -2.55 4.29
N LEU A 22 1.66 -3.39 3.44
CA LEU A 22 1.11 -4.77 3.29
C LEU A 22 1.23 -5.52 4.61
N GLU A 23 2.21 -5.15 5.43
CA GLU A 23 2.35 -5.81 6.76
C GLU A 23 1.11 -5.47 7.58
N THR A 24 0.65 -4.25 7.47
CA THR A 24 -0.59 -3.83 8.18
C THR A 24 -1.76 -3.89 7.19
N PHE A 25 -1.85 -5.00 6.49
CA PHE A 25 -2.92 -5.19 5.47
C PHE A 25 -3.58 -6.55 5.70
N THR A 26 -2.79 -7.58 5.70
CA THR A 26 -3.34 -8.96 5.92
C THR A 26 -2.97 -9.47 7.31
N GLY A 27 -2.75 -8.57 8.25
CA GLY A 27 -2.40 -9.00 9.63
C GLY A 27 -1.08 -9.79 9.61
N ARG A 28 -0.21 -9.47 8.70
CA ARG A 28 1.09 -10.20 8.62
C ARG A 28 2.07 -9.65 9.66
N LYS A 1 0.11 8.26 -12.80
CA LYS A 1 -0.73 7.33 -12.00
C LYS A 1 0.06 6.80 -10.79
N PRO A 2 -0.14 7.42 -9.65
CA PRO A 2 0.59 6.97 -8.43
C PRO A 2 0.05 5.63 -7.94
N TYR A 3 0.81 4.93 -7.14
CA TYR A 3 0.35 3.60 -6.61
C TYR A 3 -0.96 3.75 -5.84
N THR A 4 -1.76 2.72 -5.82
CA THR A 4 -3.07 2.80 -5.10
C THR A 4 -3.58 1.40 -4.74
N ALA A 5 -2.96 0.76 -3.78
CA ALA A 5 -3.42 -0.61 -3.37
C ALA A 5 -4.92 -0.62 -3.06
N ARG A 6 -5.61 -1.66 -3.45
CA ARG A 6 -7.08 -1.72 -3.18
C ARG A 6 -7.32 -1.95 -1.67
N ILE A 7 -6.89 -1.03 -0.85
CA ILE A 7 -7.07 -1.19 0.62
C ILE A 7 -7.78 0.02 1.24
N LYS A 8 -7.39 1.22 0.85
CA LYS A 8 -8.02 2.42 1.47
C LYS A 8 -7.98 3.63 0.53
N GLY A 9 -7.55 3.47 -0.70
CA GLY A 9 -7.45 4.66 -1.60
C GLY A 9 -6.41 5.61 -1.02
N ARG A 10 -5.55 5.11 -0.14
CA ARG A 10 -4.52 5.97 0.48
C ARG A 10 -3.51 6.40 -0.59
N THR A 11 -3.39 5.62 -1.65
CA THR A 11 -2.40 5.94 -2.71
C THR A 11 -1.00 5.82 -2.11
N PHE A 12 -0.02 5.47 -2.89
CA PHE A 12 1.35 5.33 -2.33
C PHE A 12 2.40 5.80 -3.33
N SER A 13 3.22 6.74 -2.92
CA SER A 13 4.28 7.27 -3.82
C SER A 13 5.18 6.14 -4.32
N ASN A 14 5.34 5.10 -3.56
CA ASN A 14 6.21 3.97 -4.01
C ASN A 14 5.68 2.63 -3.54
N GLU A 15 5.88 1.60 -4.34
CA GLU A 15 5.41 0.24 -3.96
C GLU A 15 6.13 -0.21 -2.69
N LYS A 16 7.32 0.27 -2.48
CA LYS A 16 8.09 -0.10 -1.26
C LYS A 16 7.33 0.36 -0.02
N GLU A 17 6.72 1.51 -0.10
CA GLU A 17 5.93 2.03 1.06
C GLU A 17 4.67 1.17 1.21
N LEU A 18 3.88 1.10 0.16
CA LEU A 18 2.63 0.27 0.21
C LEU A 18 3.01 -1.17 0.58
N ARG A 19 4.22 -1.58 0.24
CA ARG A 19 4.69 -2.94 0.61
C ARG A 19 4.74 -3.03 2.13
N ASP A 20 5.42 -2.10 2.75
CA ASP A 20 5.50 -2.08 4.25
C ASP A 20 4.09 -1.89 4.79
N PHE A 21 3.32 -1.02 4.16
CA PHE A 21 1.91 -0.84 4.60
C PHE A 21 1.19 -2.18 4.43
N LEU A 22 1.62 -2.96 3.47
CA LEU A 22 1.01 -4.31 3.23
C LEU A 22 1.46 -5.30 4.31
N GLU A 23 2.47 -4.97 5.07
CA GLU A 23 2.92 -5.91 6.14
C GLU A 23 1.82 -5.99 7.19
N THR A 24 1.18 -4.89 7.44
CA THR A 24 0.06 -4.87 8.42
C THR A 24 -1.28 -4.79 7.67
N PHE A 25 -1.42 -5.58 6.65
CA PHE A 25 -2.68 -5.57 5.84
C PHE A 25 -3.41 -6.89 5.97
N THR A 26 -2.68 -7.96 6.10
CA THR A 26 -3.30 -9.30 6.23
C THR A 26 -2.50 -10.17 7.20
N GLY A 27 -2.01 -9.58 8.26
CA GLY A 27 -1.22 -10.37 9.26
C GLY A 27 0.02 -10.95 8.59
N ARG A 28 0.63 -10.21 7.70
CA ARG A 28 1.86 -10.71 7.00
C ARG A 28 3.11 -10.36 7.81
N LYS A 1 -1.27 7.88 -13.11
CA LYS A 1 -1.70 8.25 -11.73
C LYS A 1 -0.78 7.59 -10.69
N PRO A 2 -0.92 8.00 -9.44
CA PRO A 2 -0.07 7.42 -8.37
C PRO A 2 -0.54 6.00 -8.03
N TYR A 3 0.28 5.25 -7.32
CA TYR A 3 -0.09 3.86 -6.94
C TYR A 3 -1.42 3.85 -6.15
N THR A 4 -1.94 2.68 -5.85
CA THR A 4 -3.23 2.60 -5.09
C THR A 4 -3.57 1.16 -4.69
N ALA A 5 -2.75 0.53 -3.87
CA ALA A 5 -3.03 -0.88 -3.42
C ALA A 5 -4.46 -1.00 -2.87
N ARG A 6 -5.12 -2.11 -3.10
CA ARG A 6 -6.50 -2.29 -2.58
C ARG A 6 -6.46 -2.43 -1.06
N ILE A 7 -6.14 -1.36 -0.37
CA ILE A 7 -6.04 -1.42 1.11
C ILE A 7 -6.92 -0.36 1.78
N LYS A 8 -6.60 0.89 1.56
CA LYS A 8 -7.39 1.98 2.20
C LYS A 8 -7.57 3.16 1.23
N GLY A 9 -7.23 2.99 -0.01
CA GLY A 9 -7.37 4.12 -0.98
C GLY A 9 -6.33 5.18 -0.63
N ARG A 10 -5.24 4.78 -0.02
CA ARG A 10 -4.19 5.76 0.35
C ARG A 10 -3.53 6.32 -0.91
N THR A 11 -3.26 5.45 -1.87
CA THR A 11 -2.60 5.80 -3.18
C THR A 11 -1.07 5.66 -3.08
N PHE A 12 -0.52 6.03 -1.96
CA PHE A 12 0.96 5.93 -1.74
C PHE A 12 1.76 6.64 -2.84
N SER A 13 3.03 6.80 -2.60
CA SER A 13 3.92 7.46 -3.59
C SER A 13 4.78 6.42 -4.27
N ASN A 14 5.03 5.31 -3.61
CA ASN A 14 5.87 4.25 -4.24
C ASN A 14 5.50 2.86 -3.74
N GLU A 15 5.66 1.86 -4.58
CA GLU A 15 5.33 0.47 -4.18
C GLU A 15 6.24 0.02 -3.03
N LYS A 16 7.41 0.58 -2.94
CA LYS A 16 8.35 0.22 -1.84
C LYS A 16 7.68 0.52 -0.49
N GLU A 17 6.86 1.53 -0.47
CA GLU A 17 6.14 1.89 0.78
C GLU A 17 4.98 0.90 1.00
N LEU A 18 4.56 0.24 -0.04
CA LEU A 18 3.43 -0.73 0.10
C LEU A 18 3.90 -1.93 0.89
N ARG A 19 5.04 -2.47 0.56
CA ARG A 19 5.58 -3.67 1.30
C ARG A 19 5.47 -3.46 2.82
N ASP A 20 5.54 -2.23 3.25
CA ASP A 20 5.42 -1.91 4.70
C ASP A 20 3.95 -1.78 5.07
N PHE A 21 3.16 -1.24 4.19
CA PHE A 21 1.70 -1.09 4.46
C PHE A 21 1.00 -2.43 4.22
N LEU A 22 1.54 -3.23 3.34
CA LEU A 22 0.95 -4.56 3.03
C LEU A 22 0.96 -5.42 4.29
N GLU A 23 1.93 -5.23 5.14
CA GLU A 23 1.98 -6.02 6.41
C GLU A 23 0.80 -5.62 7.27
N THR A 24 0.50 -4.35 7.30
CA THR A 24 -0.67 -3.86 8.08
C THR A 24 -1.85 -3.68 7.11
N PHE A 25 -2.07 -4.67 6.29
CA PHE A 25 -3.17 -4.59 5.28
C PHE A 25 -3.90 -5.94 5.21
N THR A 26 -3.15 -7.00 5.13
CA THR A 26 -3.75 -8.36 5.05
C THR A 26 -3.48 -9.16 6.32
N GLY A 27 -3.24 -8.48 7.42
CA GLY A 27 -2.96 -9.18 8.70
C GLY A 27 -1.71 -10.04 8.56
N ARG A 28 -0.74 -9.57 7.81
CA ARG A 28 0.52 -10.35 7.62
C ARG A 28 1.58 -9.93 8.64
N LYS A 1 0.01 7.29 -13.80
CA LYS A 1 -0.78 7.49 -12.55
C LYS A 1 -0.02 6.94 -11.34
N PRO A 2 -0.23 7.53 -10.18
CA PRO A 2 0.47 7.07 -8.96
C PRO A 2 -0.10 5.73 -8.49
N TYR A 3 0.56 5.08 -7.55
CA TYR A 3 0.06 3.78 -7.05
C TYR A 3 -1.26 3.95 -6.30
N THR A 4 -1.88 2.87 -5.91
CA THR A 4 -3.18 2.93 -5.17
C THR A 4 -3.58 1.52 -4.72
N ALA A 5 -2.83 0.94 -3.80
CA ALA A 5 -3.14 -0.45 -3.31
C ALA A 5 -4.63 -0.63 -3.02
N ARG A 6 -5.10 -1.85 -3.01
CA ARG A 6 -6.53 -2.11 -2.74
C ARG A 6 -6.78 -2.22 -1.22
N ILE A 7 -6.24 -1.30 -0.45
CA ILE A 7 -6.46 -1.37 1.02
C ILE A 7 -7.20 -0.13 1.53
N LYS A 8 -6.88 1.03 1.03
CA LYS A 8 -7.55 2.27 1.50
C LYS A 8 -7.46 3.40 0.47
N GLY A 9 -7.03 3.12 -0.75
CA GLY A 9 -6.90 4.21 -1.75
C GLY A 9 -5.86 5.21 -1.24
N ARG A 10 -4.97 4.77 -0.37
CA ARG A 10 -3.93 5.69 0.18
C ARG A 10 -3.11 6.28 -0.97
N THR A 11 -3.09 5.63 -2.13
CA THR A 11 -2.31 6.10 -3.34
C THR A 11 -0.82 5.73 -3.23
N PHE A 12 -0.27 5.75 -2.04
CA PHE A 12 1.16 5.38 -1.82
C PHE A 12 2.11 6.19 -2.71
N SER A 13 2.88 7.06 -2.10
CA SER A 13 3.86 7.86 -2.89
C SER A 13 4.79 6.93 -3.68
N ASN A 14 4.97 5.71 -3.21
CA ASN A 14 5.85 4.75 -3.93
C ASN A 14 5.32 3.33 -3.75
N GLU A 15 5.47 2.50 -4.76
CA GLU A 15 4.98 1.09 -4.66
C GLU A 15 5.70 0.36 -3.52
N LYS A 16 6.90 0.77 -3.23
CA LYS A 16 7.67 0.13 -2.13
C LYS A 16 6.98 0.37 -0.78
N GLU A 17 6.16 1.40 -0.70
CA GLU A 17 5.45 1.68 0.57
C GLU A 17 4.39 0.61 0.85
N LEU A 18 4.08 -0.21 -0.12
CA LEU A 18 3.06 -1.26 0.12
C LEU A 18 3.67 -2.39 0.94
N ARG A 19 4.83 -2.86 0.56
CA ARG A 19 5.47 -3.98 1.34
C ARG A 19 5.47 -3.68 2.84
N ASP A 20 5.47 -2.42 3.19
CA ASP A 20 5.43 -2.02 4.63
C ASP A 20 3.97 -1.88 5.06
N PHE A 21 3.13 -1.44 4.17
CA PHE A 21 1.68 -1.29 4.49
C PHE A 21 1.00 -2.67 4.45
N LEU A 22 1.47 -3.50 3.56
CA LEU A 22 0.91 -4.88 3.42
C LEU A 22 1.05 -5.63 4.74
N GLU A 23 2.08 -5.35 5.49
CA GLU A 23 2.27 -6.02 6.80
C GLU A 23 1.12 -5.65 7.73
N THR A 24 0.78 -4.39 7.74
CA THR A 24 -0.37 -3.93 8.57
C THR A 24 -1.60 -3.85 7.67
N PHE A 25 -1.82 -4.90 6.92
CA PHE A 25 -2.96 -4.92 5.96
C PHE A 25 -3.47 -6.34 5.81
N THR A 26 -2.60 -7.25 5.48
CA THR A 26 -3.00 -8.67 5.31
C THR A 26 -2.72 -9.47 6.58
N GLY A 27 -2.54 -8.81 7.70
CA GLY A 27 -2.28 -9.53 8.98
C GLY A 27 -1.00 -10.37 8.83
N ARG A 28 -0.05 -9.90 8.08
CA ARG A 28 1.23 -10.66 7.90
C ARG A 28 2.11 -10.53 9.13
N LYS A 1 1.22 6.37 -13.70
CA LYS A 1 0.24 6.67 -12.61
C LYS A 1 0.78 6.21 -11.26
N PRO A 2 0.38 6.89 -10.20
CA PRO A 2 0.85 6.51 -8.84
C PRO A 2 0.18 5.21 -8.40
N TYR A 3 0.80 4.50 -7.49
CA TYR A 3 0.21 3.21 -7.01
C TYR A 3 -1.16 3.46 -6.37
N THR A 4 -1.83 2.40 -5.95
CA THR A 4 -3.16 2.57 -5.31
C THR A 4 -3.65 1.23 -4.73
N ALA A 5 -2.94 0.68 -3.78
CA ALA A 5 -3.36 -0.61 -3.16
C ALA A 5 -4.83 -0.55 -2.72
N ARG A 6 -5.58 -1.59 -2.95
CA ARG A 6 -7.01 -1.59 -2.54
C ARG A 6 -7.10 -1.73 -1.02
N ILE A 7 -6.60 -0.76 -0.30
CA ILE A 7 -6.66 -0.83 1.19
C ILE A 7 -7.30 0.44 1.76
N LYS A 8 -6.98 1.59 1.23
CA LYS A 8 -7.57 2.85 1.74
C LYS A 8 -7.54 3.98 0.70
N GLY A 9 -7.18 3.69 -0.53
CA GLY A 9 -7.12 4.76 -1.56
C GLY A 9 -6.00 5.73 -1.20
N ARG A 10 -5.03 5.28 -0.43
CA ARG A 10 -3.92 6.18 -0.04
C ARG A 10 -3.13 6.57 -1.29
N THR A 11 -3.01 5.64 -2.22
CA THR A 11 -2.26 5.83 -3.52
C THR A 11 -0.78 5.41 -3.38
N PHE A 12 -0.19 5.70 -2.27
CA PHE A 12 1.25 5.33 -2.04
C PHE A 12 2.15 5.74 -3.20
N SER A 13 2.87 6.83 -3.02
CA SER A 13 3.80 7.30 -4.10
C SER A 13 4.81 6.20 -4.44
N ASN A 14 5.02 5.24 -3.56
CA ASN A 14 5.99 4.16 -3.85
C ASN A 14 5.46 2.80 -3.40
N GLU A 15 5.78 1.76 -4.13
CA GLU A 15 5.32 0.39 -3.75
C GLU A 15 6.10 -0.09 -2.53
N LYS A 16 7.24 0.48 -2.28
CA LYS A 16 8.05 0.08 -1.09
C LYS A 16 7.29 0.51 0.17
N GLU A 17 6.73 1.68 0.13
CA GLU A 17 5.94 2.18 1.30
C GLU A 17 4.69 1.32 1.42
N LEU A 18 3.97 1.21 0.35
CA LEU A 18 2.74 0.38 0.35
C LEU A 18 3.08 -1.06 0.69
N ARG A 19 4.24 -1.52 0.28
CA ARG A 19 4.66 -2.91 0.62
C ARG A 19 4.64 -3.06 2.14
N ASP A 20 5.23 -2.11 2.81
CA ASP A 20 5.23 -2.11 4.30
C ASP A 20 3.79 -1.95 4.80
N PHE A 21 3.06 -1.03 4.20
CA PHE A 21 1.62 -0.86 4.61
C PHE A 21 0.88 -2.18 4.35
N LEU A 22 1.36 -2.94 3.40
CA LEU A 22 0.73 -4.26 3.09
C LEU A 22 1.09 -5.26 4.20
N GLU A 23 2.19 -5.03 4.90
CA GLU A 23 2.58 -5.96 6.01
C GLU A 23 1.48 -5.95 7.06
N THR A 24 0.81 -4.84 7.21
CA THR A 24 -0.32 -4.77 8.19
C THR A 24 -1.62 -4.99 7.41
N PHE A 25 -1.60 -5.97 6.54
CA PHE A 25 -2.78 -6.31 5.70
C PHE A 25 -3.01 -7.82 5.75
N THR A 26 -2.47 -8.50 6.73
CA THR A 26 -2.64 -10.00 6.83
C THR A 26 -1.98 -10.65 5.61
N GLY A 27 -0.90 -10.10 5.15
CA GLY A 27 -0.20 -10.67 3.97
C GLY A 27 1.18 -11.17 4.37
N ARG A 28 1.84 -10.47 5.26
CA ARG A 28 3.20 -10.91 5.72
C ARG A 28 3.10 -12.21 6.52
N LYS A 1 -0.38 6.32 -13.92
CA LYS A 1 -1.16 6.87 -12.78
C LYS A 1 -0.45 6.60 -11.44
N PRO A 2 -0.89 7.25 -10.39
CA PRO A 2 -0.26 7.05 -9.07
C PRO A 2 -0.63 5.67 -8.50
N TYR A 3 0.15 5.18 -7.57
CA TYR A 3 -0.14 3.86 -6.97
C TYR A 3 -1.36 3.96 -6.04
N THR A 4 -1.79 2.87 -5.45
CA THR A 4 -3.00 2.94 -4.54
C THR A 4 -3.22 1.64 -3.76
N ALA A 5 -2.88 0.49 -4.33
CA ALA A 5 -3.11 -0.81 -3.61
C ALA A 5 -4.60 -1.05 -3.42
N ARG A 6 -5.03 -2.28 -3.42
CA ARG A 6 -6.47 -2.56 -3.20
C ARG A 6 -6.78 -2.45 -1.70
N ILE A 7 -6.51 -1.29 -1.13
CA ILE A 7 -6.77 -1.09 0.33
C ILE A 7 -7.42 0.29 0.55
N LYS A 8 -7.15 0.92 1.66
CA LYS A 8 -7.71 2.27 1.97
C LYS A 8 -7.65 3.23 0.77
N GLY A 9 -6.71 3.04 -0.12
CA GLY A 9 -6.58 3.96 -1.28
C GLY A 9 -5.65 5.09 -0.84
N ARG A 10 -4.66 4.76 -0.06
CA ARG A 10 -3.70 5.78 0.44
C ARG A 10 -2.94 6.43 -0.74
N THR A 11 -2.98 5.82 -1.92
CA THR A 11 -2.26 6.35 -3.15
C THR A 11 -0.79 5.88 -3.14
N PHE A 12 -0.21 5.77 -1.98
CA PHE A 12 1.19 5.28 -1.84
C PHE A 12 2.17 6.05 -2.72
N SER A 13 3.02 6.84 -2.11
CA SER A 13 4.03 7.62 -2.87
C SER A 13 4.85 6.70 -3.78
N ASN A 14 4.94 5.44 -3.42
CA ASN A 14 5.71 4.48 -4.25
C ASN A 14 5.40 3.03 -3.84
N GLU A 15 5.65 2.09 -4.72
CA GLU A 15 5.36 0.66 -4.38
C GLU A 15 6.13 0.24 -3.13
N LYS A 16 7.25 0.85 -2.89
CA LYS A 16 8.05 0.52 -1.67
C LYS A 16 7.22 0.78 -0.42
N GLU A 17 6.24 1.65 -0.52
CA GLU A 17 5.36 1.95 0.64
C GLU A 17 4.36 0.83 0.85
N LEU A 18 3.82 0.30 -0.23
CA LEU A 18 2.82 -0.78 -0.09
C LEU A 18 3.43 -2.00 0.59
N ARG A 19 4.59 -2.44 0.17
CA ARG A 19 5.22 -3.63 0.82
C ARG A 19 5.27 -3.48 2.35
N ASP A 20 5.39 -2.27 2.82
CA ASP A 20 5.40 -2.02 4.30
C ASP A 20 3.96 -1.88 4.78
N PHE A 21 3.12 -1.30 3.98
CA PHE A 21 1.69 -1.17 4.36
C PHE A 21 1.03 -2.54 4.27
N LEU A 22 1.49 -3.37 3.39
CA LEU A 22 0.94 -4.74 3.22
C LEU A 22 1.12 -5.52 4.52
N GLU A 23 2.16 -5.22 5.28
CA GLU A 23 2.36 -5.92 6.59
C GLU A 23 1.19 -5.57 7.49
N THR A 24 0.74 -4.34 7.42
CA THR A 24 -0.44 -3.90 8.23
C THR A 24 -1.69 -3.96 7.33
N PHE A 25 -1.84 -5.05 6.62
CA PHE A 25 -2.99 -5.23 5.69
C PHE A 25 -3.73 -6.51 6.04
N THR A 26 -3.00 -7.57 6.22
CA THR A 26 -3.62 -8.89 6.57
C THR A 26 -2.87 -9.54 7.74
N GLY A 27 -2.39 -8.74 8.66
CA GLY A 27 -1.65 -9.31 9.83
C GLY A 27 -0.39 -10.03 9.34
N ARG A 28 0.17 -9.58 8.25
CA ARG A 28 1.40 -10.24 7.71
C ARG A 28 2.62 -9.81 8.54
N LYS A 1 -1.94 8.87 -11.84
CA LYS A 1 -2.06 8.67 -10.37
C LYS A 1 -0.97 7.72 -9.86
N PRO A 2 -0.50 7.94 -8.64
CA PRO A 2 0.57 7.08 -8.08
C PRO A 2 0.00 5.71 -7.70
N TYR A 3 0.82 4.88 -7.10
CA TYR A 3 0.36 3.51 -6.69
C TYR A 3 -0.86 3.61 -5.76
N THR A 4 -1.38 2.50 -5.29
CA THR A 4 -2.60 2.58 -4.40
C THR A 4 -2.84 1.26 -3.65
N ALA A 5 -2.64 0.14 -4.28
CA ALA A 5 -2.91 -1.19 -3.63
C ALA A 5 -4.37 -1.27 -3.23
N ARG A 6 -4.86 -2.46 -3.00
CA ARG A 6 -6.27 -2.61 -2.57
C ARG A 6 -6.34 -2.44 -1.05
N ILE A 7 -5.86 -1.34 -0.54
CA ILE A 7 -5.86 -1.12 0.92
C ILE A 7 -6.19 0.34 1.26
N LYS A 8 -7.12 0.56 2.14
CA LYS A 8 -7.47 1.95 2.60
C LYS A 8 -7.89 2.90 1.46
N GLY A 9 -7.02 3.14 0.53
CA GLY A 9 -7.32 4.11 -0.57
C GLY A 9 -6.47 5.35 -0.30
N ARG A 10 -5.26 5.14 0.16
CA ARG A 10 -4.35 6.26 0.50
C ARG A 10 -3.42 6.58 -0.67
N THR A 11 -3.40 5.79 -1.71
CA THR A 11 -2.47 6.04 -2.84
C THR A 11 -1.04 5.88 -2.33
N PHE A 12 -0.12 5.54 -3.20
CA PHE A 12 1.29 5.36 -2.75
C PHE A 12 2.28 5.86 -3.79
N SER A 13 3.15 6.74 -3.38
CA SER A 13 4.18 7.27 -4.32
C SER A 13 5.15 6.16 -4.72
N ASN A 14 5.34 5.19 -3.84
CA ASN A 14 6.25 4.08 -4.16
C ASN A 14 5.71 2.75 -3.64
N GLU A 15 5.95 1.70 -4.38
CA GLU A 15 5.46 0.36 -3.94
C GLU A 15 6.17 -0.06 -2.66
N LYS A 16 7.37 0.43 -2.47
CA LYS A 16 8.14 0.10 -1.24
C LYS A 16 7.35 0.57 -0.01
N GLU A 17 6.65 1.67 -0.16
CA GLU A 17 5.84 2.19 0.97
C GLU A 17 4.60 1.32 1.15
N LEU A 18 3.93 1.05 0.06
CA LEU A 18 2.72 0.20 0.13
C LEU A 18 3.07 -1.19 0.61
N ARG A 19 4.13 -1.78 0.08
CA ARG A 19 4.52 -3.16 0.53
C ARG A 19 4.62 -3.20 2.08
N ASP A 20 4.94 -2.08 2.67
CA ASP A 20 5.00 -2.00 4.15
C ASP A 20 3.59 -1.79 4.69
N PHE A 21 2.83 -0.94 4.03
CA PHE A 21 1.43 -0.70 4.47
C PHE A 21 0.62 -1.99 4.26
N LEU A 22 1.00 -2.76 3.27
CA LEU A 22 0.30 -4.05 2.98
C LEU A 22 0.59 -5.06 4.10
N GLU A 23 1.71 -4.91 4.76
CA GLU A 23 2.04 -5.87 5.87
C GLU A 23 1.04 -5.73 7.00
N THR A 24 0.60 -4.53 7.29
CA THR A 24 -0.42 -4.33 8.35
C THR A 24 -1.78 -4.24 7.69
N PHE A 25 -2.05 -5.15 6.81
CA PHE A 25 -3.35 -5.16 6.07
C PHE A 25 -3.78 -6.60 5.81
N THR A 26 -2.94 -7.36 5.19
CA THR A 26 -3.28 -8.78 4.88
C THR A 26 -2.21 -9.75 5.42
N GLY A 27 -1.14 -9.23 5.98
CA GLY A 27 -0.07 -10.12 6.53
C GLY A 27 1.04 -10.30 5.48
N ARG A 28 0.73 -10.10 4.22
CA ARG A 28 1.76 -10.26 3.14
C ARG A 28 2.43 -11.64 3.23
N LYS A 1 -0.87 7.04 -13.27
CA LYS A 1 -1.57 7.26 -11.97
C LYS A 1 -0.68 6.81 -10.80
N PRO A 2 -0.89 7.41 -9.65
CA PRO A 2 -0.08 7.05 -8.46
C PRO A 2 -0.51 5.68 -7.91
N TYR A 3 0.35 5.03 -7.17
CA TYR A 3 -0.01 3.71 -6.59
C TYR A 3 -1.24 3.83 -5.68
N THR A 4 -1.77 2.73 -5.18
CA THR A 4 -2.98 2.82 -4.29
C THR A 4 -3.31 1.47 -3.66
N ALA A 5 -3.15 0.38 -4.38
CA ALA A 5 -3.47 -0.97 -3.82
C ALA A 5 -4.96 -1.06 -3.48
N ARG A 6 -5.53 -2.23 -3.51
CA ARG A 6 -6.98 -2.38 -3.17
C ARG A 6 -7.14 -2.33 -1.65
N ILE A 7 -6.74 -1.24 -1.04
CA ILE A 7 -6.86 -1.12 0.44
C ILE A 7 -7.55 0.22 0.79
N LYS A 8 -7.15 0.86 1.86
CA LYS A 8 -7.74 2.17 2.27
C LYS A 8 -7.81 3.15 1.10
N GLY A 9 -6.96 2.97 0.12
CA GLY A 9 -6.91 3.93 -1.02
C GLY A 9 -6.04 5.11 -0.58
N ARG A 10 -5.08 4.83 0.26
CA ARG A 10 -4.17 5.91 0.76
C ARG A 10 -3.24 6.39 -0.36
N THR A 11 -3.17 5.70 -1.46
CA THR A 11 -2.24 6.09 -2.56
C THR A 11 -0.80 5.95 -2.03
N PHE A 12 0.13 5.57 -2.86
CA PHE A 12 1.52 5.40 -2.37
C PHE A 12 2.54 5.82 -3.42
N SER A 13 3.46 6.66 -3.03
CA SER A 13 4.51 7.14 -3.98
C SER A 13 5.23 5.95 -4.61
N ASN A 14 5.29 4.84 -3.91
CA ASN A 14 5.97 3.64 -4.47
C ASN A 14 5.54 2.36 -3.75
N GLU A 15 5.62 1.25 -4.43
CA GLU A 15 5.23 -0.05 -3.80
C GLU A 15 6.11 -0.33 -2.59
N LYS A 16 7.33 0.16 -2.61
CA LYS A 16 8.24 -0.03 -1.45
C LYS A 16 7.57 0.50 -0.17
N GLU A 17 6.71 1.47 -0.33
CA GLU A 17 5.99 2.03 0.84
C GLU A 17 4.74 1.17 1.08
N LEU A 18 3.99 0.92 0.04
CA LEU A 18 2.78 0.08 0.19
C LEU A 18 3.18 -1.29 0.74
N ARG A 19 4.42 -1.71 0.53
CA ARG A 19 4.86 -3.02 1.08
C ARG A 19 4.75 -2.95 2.61
N ASP A 20 5.32 -1.92 3.19
CA ASP A 20 5.22 -1.73 4.66
C ASP A 20 3.74 -1.52 5.02
N PHE A 21 3.03 -0.85 4.15
CA PHE A 21 1.58 -0.62 4.39
C PHE A 21 0.85 -1.98 4.35
N LEU A 22 1.15 -2.75 3.34
CA LEU A 22 0.51 -4.09 3.18
C LEU A 22 0.83 -4.99 4.37
N GLU A 23 1.91 -4.72 5.07
CA GLU A 23 2.26 -5.58 6.24
C GLU A 23 1.16 -5.49 7.29
N THR A 24 0.59 -4.32 7.44
CA THR A 24 -0.54 -4.15 8.40
C THR A 24 -1.83 -4.21 7.59
N PHE A 25 -1.93 -5.18 6.74
CA PHE A 25 -3.12 -5.31 5.85
C PHE A 25 -3.31 -6.78 5.47
N THR A 26 -2.29 -7.38 4.95
CA THR A 26 -2.38 -8.82 4.54
C THR A 26 -1.23 -9.62 5.16
N GLY A 27 -0.67 -9.15 6.25
CA GLY A 27 0.45 -9.88 6.90
C GLY A 27 1.64 -9.96 5.94
N ARG A 28 1.84 -8.94 5.15
CA ARG A 28 2.99 -8.93 4.17
C ARG A 28 2.97 -10.19 3.30
N LYS A 1 -0.99 8.34 -12.77
CA LYS A 1 -1.68 7.32 -11.93
C LYS A 1 -0.70 6.77 -10.86
N PRO A 2 -0.75 7.34 -9.68
CA PRO A 2 0.15 6.89 -8.59
C PRO A 2 -0.30 5.53 -8.06
N TYR A 3 0.54 4.87 -7.30
CA TYR A 3 0.17 3.53 -6.75
C TYR A 3 -1.09 3.64 -5.88
N THR A 4 -2.01 2.72 -6.03
CA THR A 4 -3.27 2.78 -5.22
C THR A 4 -3.72 1.36 -4.84
N ALA A 5 -3.09 0.76 -3.87
CA ALA A 5 -3.49 -0.61 -3.45
C ALA A 5 -4.93 -0.62 -2.96
N ARG A 6 -5.64 -1.69 -3.20
CA ARG A 6 -7.05 -1.78 -2.73
C ARG A 6 -7.09 -1.98 -1.21
N ILE A 7 -6.57 -1.03 -0.47
CA ILE A 7 -6.55 -1.16 1.02
C ILE A 7 -7.28 0.01 1.68
N LYS A 8 -7.09 1.21 1.19
CA LYS A 8 -7.76 2.39 1.82
C LYS A 8 -7.81 3.59 0.87
N GLY A 9 -7.47 3.42 -0.39
CA GLY A 9 -7.49 4.58 -1.32
C GLY A 9 -6.45 5.60 -0.83
N ARG A 10 -5.51 5.15 -0.01
CA ARG A 10 -4.47 6.06 0.52
C ARG A 10 -3.53 6.49 -0.61
N THR A 11 -3.44 5.70 -1.65
CA THR A 11 -2.51 6.04 -2.76
C THR A 11 -1.07 5.96 -2.21
N PHE A 12 -0.12 5.61 -3.02
CA PHE A 12 1.28 5.52 -2.50
C PHE A 12 2.30 5.94 -3.55
N SER A 13 3.32 6.62 -3.11
CA SER A 13 4.38 7.09 -4.05
C SER A 13 5.16 5.88 -4.58
N ASN A 14 5.25 4.83 -3.80
CA ASN A 14 6.00 3.62 -4.28
C ASN A 14 5.52 2.34 -3.59
N GLU A 15 5.67 1.23 -4.26
CA GLU A 15 5.23 -0.08 -3.67
C GLU A 15 6.10 -0.41 -2.46
N LYS A 16 7.31 0.09 -2.42
CA LYS A 16 8.20 -0.17 -1.26
C LYS A 16 7.53 0.40 0.00
N GLU A 17 6.78 1.45 -0.15
CA GLU A 17 6.05 2.03 1.00
C GLU A 17 4.86 1.13 1.28
N LEU A 18 4.18 0.72 0.25
CA LEU A 18 3.00 -0.17 0.43
C LEU A 18 3.50 -1.51 0.98
N ARG A 19 4.69 -1.92 0.62
CA ARG A 19 5.22 -3.21 1.18
C ARG A 19 5.23 -3.12 2.72
N ASP A 20 5.29 -1.91 3.24
CA ASP A 20 5.24 -1.70 4.70
C ASP A 20 3.76 -1.51 5.09
N PHE A 21 3.00 -0.88 4.23
CA PHE A 21 1.54 -0.69 4.49
C PHE A 21 0.86 -2.06 4.41
N LEU A 22 1.23 -2.81 3.42
CA LEU A 22 0.65 -4.15 3.21
C LEU A 22 1.03 -5.09 4.36
N GLU A 23 2.07 -4.76 5.09
CA GLU A 23 2.50 -5.64 6.23
C GLU A 23 1.36 -5.71 7.25
N THR A 24 0.75 -4.59 7.52
CA THR A 24 -0.39 -4.57 8.48
C THR A 24 -1.68 -4.59 7.65
N PHE A 25 -1.74 -5.49 6.70
CA PHE A 25 -2.91 -5.57 5.80
C PHE A 25 -3.15 -7.04 5.39
N THR A 26 -2.16 -7.62 4.78
CA THR A 26 -2.29 -9.04 4.34
C THR A 26 -1.34 -9.94 5.13
N GLY A 27 -1.00 -9.55 6.33
CA GLY A 27 -0.08 -10.38 7.18
C GLY A 27 1.27 -10.52 6.47
N ARG A 28 1.64 -9.56 5.64
CA ARG A 28 2.94 -9.63 4.92
C ARG A 28 3.11 -10.98 4.20
N LYS A 1 -0.70 9.05 -12.87
CA LYS A 1 -1.42 7.93 -12.19
C LYS A 1 -0.51 7.26 -11.15
N PRO A 2 -0.52 7.80 -9.94
CA PRO A 2 0.33 7.21 -8.87
C PRO A 2 -0.24 5.87 -8.41
N TYR A 3 0.48 5.17 -7.56
CA TYR A 3 -0.01 3.85 -7.07
C TYR A 3 -1.32 4.02 -6.30
N THR A 4 -1.93 2.93 -5.91
CA THR A 4 -3.22 3.00 -5.15
C THR A 4 -3.64 1.57 -4.73
N ALA A 5 -2.89 0.94 -3.85
CA ALA A 5 -3.22 -0.46 -3.41
C ALA A 5 -4.71 -0.60 -3.07
N ARG A 6 -5.22 -1.80 -3.08
CA ARG A 6 -6.67 -2.00 -2.77
C ARG A 6 -6.88 -2.14 -1.26
N ILE A 7 -6.29 -1.27 -0.48
CA ILE A 7 -6.48 -1.34 1.00
C ILE A 7 -7.22 -0.11 1.52
N LYS A 8 -6.88 1.04 1.03
CA LYS A 8 -7.53 2.29 1.52
C LYS A 8 -7.45 3.43 0.49
N GLY A 9 -7.04 3.17 -0.71
CA GLY A 9 -6.90 4.27 -1.71
C GLY A 9 -5.86 5.27 -1.20
N ARG A 10 -4.96 4.81 -0.35
CA ARG A 10 -3.92 5.72 0.20
C ARG A 10 -3.09 6.33 -0.96
N THR A 11 -3.09 5.68 -2.11
CA THR A 11 -2.32 6.16 -3.31
C THR A 11 -0.82 5.77 -3.24
N PHE A 12 -0.26 5.79 -2.06
CA PHE A 12 1.17 5.39 -1.87
C PHE A 12 2.12 6.17 -2.77
N SER A 13 2.96 6.98 -2.17
CA SER A 13 3.95 7.76 -2.99
C SER A 13 4.85 6.80 -3.77
N ASN A 14 4.98 5.58 -3.31
CA ASN A 14 5.84 4.59 -4.03
C ASN A 14 5.35 3.17 -3.78
N GLU A 15 5.53 2.29 -4.73
CA GLU A 15 5.09 0.87 -4.55
C GLU A 15 5.80 0.25 -3.37
N LYS A 16 7.00 0.68 -3.10
CA LYS A 16 7.77 0.14 -1.95
C LYS A 16 7.04 0.43 -0.65
N GLU A 17 6.17 1.42 -0.63
CA GLU A 17 5.41 1.74 0.61
C GLU A 17 4.39 0.65 0.90
N LEU A 18 4.01 -0.11 -0.10
CA LEU A 18 3.02 -1.19 0.14
C LEU A 18 3.65 -2.28 0.97
N ARG A 19 4.84 -2.73 0.59
CA ARG A 19 5.53 -3.81 1.37
C ARG A 19 5.49 -3.52 2.88
N ASP A 20 5.45 -2.26 3.22
CA ASP A 20 5.38 -1.87 4.67
C ASP A 20 3.91 -1.76 5.08
N PHE A 21 3.07 -1.37 4.17
CA PHE A 21 1.61 -1.26 4.47
C PHE A 21 0.97 -2.65 4.40
N LEU A 22 1.48 -3.48 3.53
CA LEU A 22 0.97 -4.86 3.36
C LEU A 22 1.09 -5.63 4.67
N GLU A 23 2.11 -5.35 5.44
CA GLU A 23 2.28 -6.05 6.75
C GLU A 23 1.15 -5.65 7.67
N THR A 24 0.74 -4.41 7.59
CA THR A 24 -0.42 -3.94 8.41
C THR A 24 -1.63 -3.95 7.48
N PHE A 25 -1.78 -5.03 6.77
CA PHE A 25 -2.88 -5.18 5.79
C PHE A 25 -3.13 -6.67 5.56
N THR A 26 -2.97 -7.46 6.58
CA THR A 26 -3.18 -8.94 6.46
C THR A 26 -2.21 -9.52 5.44
N GLY A 27 -0.99 -9.05 5.42
CA GLY A 27 0.02 -9.57 4.46
C GLY A 27 1.27 -10.01 5.21
N ARG A 28 1.10 -10.53 6.40
CA ARG A 28 2.27 -10.99 7.20
C ARG A 28 2.02 -12.38 7.77
N LYS A 1 -2.11 10.57 -9.43
CA LYS A 1 -2.21 9.38 -8.53
C LYS A 1 -1.56 8.15 -9.19
N PRO A 2 -0.30 7.91 -8.88
CA PRO A 2 0.40 6.75 -9.47
C PRO A 2 -0.14 5.43 -8.88
N TYR A 3 0.40 4.97 -7.76
CA TYR A 3 -0.09 3.71 -7.16
C TYR A 3 -1.38 3.94 -6.36
N THR A 4 -2.00 2.88 -5.93
CA THR A 4 -3.26 3.00 -5.14
C THR A 4 -3.72 1.60 -4.68
N ALA A 5 -2.98 0.98 -3.78
CA ALA A 5 -3.36 -0.39 -3.29
C ALA A 5 -4.84 -0.49 -2.96
N ARG A 6 -5.48 -1.58 -3.28
CA ARG A 6 -6.92 -1.73 -2.97
C ARG A 6 -7.10 -1.95 -1.46
N ILE A 7 -6.64 -1.02 -0.66
CA ILE A 7 -6.76 -1.17 0.82
C ILE A 7 -7.38 0.09 1.44
N LYS A 8 -7.01 1.25 0.97
CA LYS A 8 -7.55 2.50 1.58
C LYS A 8 -7.45 3.69 0.61
N GLY A 9 -7.12 3.46 -0.65
CA GLY A 9 -6.98 4.61 -1.60
C GLY A 9 -5.85 5.51 -1.10
N ARG A 10 -4.94 4.96 -0.33
CA ARG A 10 -3.82 5.78 0.20
C ARG A 10 -2.99 6.36 -0.97
N THR A 11 -3.03 5.71 -2.13
CA THR A 11 -2.27 6.17 -3.36
C THR A 11 -0.79 5.74 -3.30
N PHE A 12 -0.21 5.73 -2.13
CA PHE A 12 1.20 5.28 -1.95
C PHE A 12 2.18 6.04 -2.85
N SER A 13 3.06 6.80 -2.27
CA SER A 13 4.06 7.56 -3.08
C SER A 13 4.89 6.60 -3.92
N ASN A 14 5.03 5.36 -3.47
CA ASN A 14 5.81 4.37 -4.25
C ASN A 14 5.42 2.94 -3.84
N GLU A 15 5.60 1.99 -4.73
CA GLU A 15 5.24 0.58 -4.41
C GLU A 15 5.97 0.11 -3.14
N LYS A 16 7.12 0.66 -2.89
CA LYS A 16 7.89 0.27 -1.68
C LYS A 16 7.09 0.61 -0.42
N GLU A 17 6.14 1.53 -0.53
CA GLU A 17 5.31 1.89 0.65
C GLU A 17 4.33 0.78 0.95
N LEU A 18 3.99 -0.02 -0.04
CA LEU A 18 3.02 -1.12 0.20
C LEU A 18 3.69 -2.17 1.06
N ARG A 19 4.89 -2.59 0.71
CA ARG A 19 5.60 -3.63 1.53
C ARG A 19 5.50 -3.31 3.03
N ASP A 20 5.41 -2.05 3.36
CA ASP A 20 5.26 -1.63 4.78
C ASP A 20 3.78 -1.60 5.12
N PHE A 21 2.97 -1.14 4.22
CA PHE A 21 1.49 -1.11 4.47
C PHE A 21 0.98 -2.55 4.45
N LEU A 22 1.31 -3.26 3.40
CA LEU A 22 0.91 -4.69 3.25
C LEU A 22 1.24 -5.46 4.54
N GLU A 23 2.23 -5.03 5.27
CA GLU A 23 2.57 -5.72 6.56
C GLU A 23 1.36 -5.65 7.48
N THR A 24 0.75 -4.49 7.55
CA THR A 24 -0.48 -4.32 8.39
C THR A 24 -1.69 -4.46 7.46
N PHE A 25 -1.70 -5.50 6.67
CA PHE A 25 -2.80 -5.74 5.69
C PHE A 25 -3.29 -7.18 5.81
N THR A 26 -2.39 -8.10 5.82
CA THR A 26 -2.76 -9.54 5.94
C THR A 26 -2.08 -10.19 7.14
N GLY A 27 -1.72 -9.40 8.13
CA GLY A 27 -1.05 -9.97 9.34
C GLY A 27 0.26 -10.62 8.94
N ARG A 28 0.99 -10.03 8.03
CA ARG A 28 2.29 -10.62 7.59
C ARG A 28 3.43 -10.11 8.49
N LYS A 1 -1.06 7.38 -13.78
CA LYS A 1 -1.74 7.35 -12.45
C LYS A 1 -0.76 6.86 -11.37
N PRO A 2 -0.82 7.45 -10.19
CA PRO A 2 0.09 7.03 -9.10
C PRO A 2 -0.37 5.69 -8.50
N TYR A 3 0.42 5.11 -7.64
CA TYR A 3 0.04 3.81 -7.01
C TYR A 3 -1.28 3.96 -6.25
N THR A 4 -1.89 2.87 -5.87
CA THR A 4 -3.18 2.93 -5.11
C THR A 4 -3.64 1.51 -4.72
N ALA A 5 -2.94 0.88 -3.80
CA ALA A 5 -3.34 -0.52 -3.37
C ALA A 5 -4.84 -0.64 -3.11
N ARG A 6 -5.43 -1.76 -3.47
CA ARG A 6 -6.88 -1.94 -3.22
C ARG A 6 -7.14 -2.17 -1.71
N ILE A 7 -6.77 -1.22 -0.90
CA ILE A 7 -6.94 -1.38 0.57
C ILE A 7 -7.63 -0.16 1.20
N LYS A 8 -7.54 0.97 0.58
CA LYS A 8 -8.16 2.21 1.14
C LYS A 8 -8.09 3.33 0.11
N GLY A 9 -7.01 3.38 -0.61
CA GLY A 9 -6.83 4.45 -1.62
C GLY A 9 -5.76 5.43 -1.13
N ARG A 10 -4.90 5.00 -0.23
CA ARG A 10 -3.83 5.91 0.29
C ARG A 10 -3.01 6.46 -0.91
N THR A 11 -3.01 5.75 -2.02
CA THR A 11 -2.26 6.15 -3.26
C THR A 11 -0.77 5.75 -3.19
N PHE A 12 -0.21 5.74 -2.01
CA PHE A 12 1.22 5.33 -1.82
C PHE A 12 2.18 6.12 -2.71
N SER A 13 3.01 6.92 -2.11
CA SER A 13 4.02 7.71 -2.89
C SER A 13 4.90 6.77 -3.71
N ASN A 14 5.02 5.53 -3.28
CA ASN A 14 5.87 4.56 -4.04
C ASN A 14 5.47 3.12 -3.69
N GLU A 15 5.76 2.20 -4.58
CA GLU A 15 5.41 0.77 -4.33
C GLU A 15 6.14 0.26 -3.08
N LYS A 16 7.31 0.76 -2.84
CA LYS A 16 8.09 0.34 -1.64
C LYS A 16 7.28 0.61 -0.36
N GLU A 17 6.38 1.57 -0.43
CA GLU A 17 5.54 1.89 0.76
C GLU A 17 4.45 0.86 0.94
N LEU A 18 3.84 0.45 -0.15
CA LEU A 18 2.73 -0.54 -0.05
C LEU A 18 3.22 -1.82 0.60
N ARG A 19 4.30 -2.39 0.12
CA ARG A 19 4.83 -3.66 0.73
C ARG A 19 4.90 -3.56 2.26
N ASP A 20 5.55 -2.53 2.76
CA ASP A 20 5.64 -2.35 4.25
C ASP A 20 4.23 -2.14 4.80
N PHE A 21 3.47 -1.32 4.14
CA PHE A 21 2.07 -1.08 4.60
C PHE A 21 1.29 -2.41 4.49
N LEU A 22 1.70 -3.27 3.60
CA LEU A 22 1.03 -4.59 3.41
C LEU A 22 1.36 -5.52 4.58
N GLU A 23 2.42 -5.25 5.29
CA GLU A 23 2.75 -6.12 6.46
C GLU A 23 1.63 -5.96 7.49
N THR A 24 1.11 -4.77 7.58
CA THR A 24 -0.04 -4.53 8.53
C THR A 24 -1.35 -4.46 7.75
N PHE A 25 -1.53 -5.37 6.81
CA PHE A 25 -2.78 -5.38 5.98
C PHE A 25 -3.57 -6.65 6.24
N THR A 26 -2.90 -7.71 6.57
CA THR A 26 -3.61 -9.00 6.84
C THR A 26 -2.98 -9.71 8.05
N GLY A 27 -2.57 -8.96 9.04
CA GLY A 27 -1.95 -9.57 10.25
C GLY A 27 -0.68 -10.34 9.85
N ARG A 28 0.02 -9.87 8.85
CA ARG A 28 1.26 -10.57 8.40
C ARG A 28 2.46 -10.08 9.20
N LYS A 1 -0.77 5.90 -13.96
CA LYS A 1 -1.45 6.42 -12.74
C LYS A 1 -0.61 6.11 -11.50
N PRO A 2 -0.88 6.81 -10.42
CA PRO A 2 -0.12 6.59 -9.16
C PRO A 2 -0.53 5.26 -8.52
N TYR A 3 0.25 4.78 -7.58
CA TYR A 3 -0.09 3.49 -6.90
C TYR A 3 -1.31 3.69 -6.00
N THR A 4 -1.80 2.64 -5.37
CA THR A 4 -3.00 2.81 -4.48
C THR A 4 -3.28 1.54 -3.65
N ALA A 5 -3.14 0.38 -4.24
CA ALA A 5 -3.43 -0.91 -3.50
C ALA A 5 -4.89 -0.97 -3.08
N ARG A 6 -5.54 -2.09 -3.28
CA ARG A 6 -6.96 -2.23 -2.87
C ARG A 6 -7.04 -2.29 -1.34
N ILE A 7 -6.64 -1.23 -0.67
CA ILE A 7 -6.64 -1.24 0.82
C ILE A 7 -7.44 -0.05 1.38
N LYS A 8 -7.38 1.06 0.71
CA LYS A 8 -8.10 2.27 1.20
C LYS A 8 -8.01 3.37 0.15
N GLY A 9 -6.89 3.44 -0.51
CA GLY A 9 -6.69 4.49 -1.54
C GLY A 9 -5.64 5.49 -1.03
N ARG A 10 -4.74 5.04 -0.19
CA ARG A 10 -3.68 5.96 0.34
C ARG A 10 -2.83 6.50 -0.84
N THR A 11 -2.89 5.86 -2.00
CA THR A 11 -2.10 6.29 -3.23
C THR A 11 -0.66 5.74 -3.17
N PHE A 12 -0.08 5.70 -2.01
CA PHE A 12 1.30 5.15 -1.85
C PHE A 12 2.30 5.84 -2.77
N SER A 13 3.17 6.64 -2.20
CA SER A 13 4.21 7.34 -3.02
C SER A 13 4.99 6.32 -3.86
N ASN A 14 5.03 5.09 -3.42
CA ASN A 14 5.75 4.03 -4.18
C ASN A 14 5.42 2.65 -3.62
N GLU A 15 5.61 1.62 -4.40
CA GLU A 15 5.30 0.23 -3.93
C GLU A 15 6.03 -0.06 -2.62
N LYS A 16 7.14 0.61 -2.40
CA LYS A 16 7.90 0.40 -1.14
C LYS A 16 7.01 0.76 0.05
N GLU A 17 6.15 1.74 -0.14
CA GLU A 17 5.22 2.15 0.95
C GLU A 17 4.18 1.06 1.14
N LEU A 18 3.57 0.65 0.05
CA LEU A 18 2.53 -0.39 0.12
C LEU A 18 3.12 -1.69 0.65
N ARG A 19 4.25 -2.12 0.15
CA ARG A 19 4.87 -3.39 0.66
C ARG A 19 5.02 -3.32 2.20
N ASP A 20 5.30 -2.16 2.72
CA ASP A 20 5.40 -2.00 4.19
C ASP A 20 3.99 -1.88 4.77
N PHE A 21 3.10 -1.29 4.00
CA PHE A 21 1.69 -1.14 4.46
C PHE A 21 1.02 -2.51 4.43
N LEU A 22 1.10 -3.19 3.30
CA LEU A 22 0.51 -4.54 3.15
C LEU A 22 0.91 -5.44 4.33
N GLU A 23 2.04 -5.17 4.92
CA GLU A 23 2.48 -6.00 6.08
C GLU A 23 1.56 -5.73 7.27
N THR A 24 1.18 -4.50 7.47
CA THR A 24 0.23 -4.16 8.57
C THR A 24 -1.16 -4.05 7.94
N PHE A 25 -1.48 -5.01 7.13
CA PHE A 25 -2.78 -5.00 6.41
C PHE A 25 -3.18 -6.45 6.08
N THR A 26 -2.36 -7.10 5.31
CA THR A 26 -2.66 -8.52 4.92
C THR A 26 -1.72 -9.48 5.66
N GLY A 27 -1.20 -9.08 6.79
CA GLY A 27 -0.29 -9.98 7.56
C GLY A 27 0.94 -10.31 6.71
N ARG A 28 1.35 -9.40 5.87
CA ARG A 28 2.55 -9.65 4.99
C ARG A 28 2.40 -10.96 4.22
N LYS A 1 -2.55 7.07 -12.92
CA LYS A 1 -3.14 6.25 -11.82
C LYS A 1 -2.10 6.00 -10.71
N PRO A 2 -2.31 6.57 -9.55
CA PRO A 2 -1.35 6.37 -8.44
C PRO A 2 -1.45 4.94 -7.88
N TYR A 3 -0.41 4.46 -7.26
CA TYR A 3 -0.44 3.08 -6.70
C TYR A 3 -1.27 3.04 -5.41
N THR A 4 -2.57 3.13 -5.53
CA THR A 4 -3.45 3.11 -4.31
C THR A 4 -3.60 1.70 -3.71
N ALA A 5 -2.97 0.70 -4.28
CA ALA A 5 -3.11 -0.70 -3.73
C ALA A 5 -4.58 -1.08 -3.61
N ARG A 6 -4.87 -2.24 -3.09
CA ARG A 6 -6.27 -2.66 -2.91
C ARG A 6 -6.69 -2.39 -1.47
N ILE A 7 -6.25 -1.28 -0.91
CA ILE A 7 -6.60 -0.95 0.49
C ILE A 7 -7.29 0.43 0.56
N LYS A 8 -7.13 1.13 1.66
CA LYS A 8 -7.73 2.49 1.85
C LYS A 8 -7.65 3.36 0.60
N GLY A 9 -6.64 3.16 -0.20
CA GLY A 9 -6.46 4.01 -1.41
C GLY A 9 -5.56 5.18 -1.00
N ARG A 10 -4.58 4.90 -0.18
CA ARG A 10 -3.65 5.97 0.29
C ARG A 10 -2.82 6.53 -0.89
N THR A 11 -2.84 5.87 -2.04
CA THR A 11 -2.07 6.31 -3.26
C THR A 11 -0.62 5.80 -3.19
N PHE A 12 -0.03 5.83 -2.02
CA PHE A 12 1.36 5.32 -1.81
C PHE A 12 2.37 5.97 -2.76
N SER A 13 3.32 6.69 -2.21
CA SER A 13 4.37 7.35 -3.07
C SER A 13 4.98 6.29 -4.01
N ASN A 14 4.99 5.06 -3.57
CA ASN A 14 5.54 3.96 -4.44
C ASN A 14 5.28 2.59 -3.78
N GLU A 15 5.56 1.53 -4.49
CA GLU A 15 5.33 0.17 -3.93
C GLU A 15 6.10 -0.02 -2.63
N LYS A 16 7.21 0.67 -2.49
CA LYS A 16 8.01 0.56 -1.24
C LYS A 16 7.15 0.95 -0.04
N GLU A 17 6.19 1.81 -0.24
CA GLU A 17 5.28 2.22 0.87
C GLU A 17 4.25 1.14 1.10
N LEU A 18 3.60 0.72 0.05
CA LEU A 18 2.56 -0.34 0.18
C LEU A 18 3.18 -1.62 0.70
N ARG A 19 4.27 -2.07 0.14
CA ARG A 19 4.92 -3.34 0.63
C ARG A 19 5.07 -3.30 2.17
N ASP A 20 5.19 -2.12 2.72
CA ASP A 20 5.29 -1.98 4.20
C ASP A 20 3.88 -1.83 4.78
N PHE A 21 3.03 -1.16 4.04
CA PHE A 21 1.62 -0.99 4.49
C PHE A 21 0.88 -2.33 4.34
N LEU A 22 1.25 -3.09 3.35
CA LEU A 22 0.63 -4.43 3.11
C LEU A 22 0.88 -5.31 4.34
N GLU A 23 2.01 -5.13 4.98
CA GLU A 23 2.33 -5.96 6.18
C GLU A 23 1.31 -5.67 7.28
N THR A 24 0.86 -4.45 7.35
CA THR A 24 -0.19 -4.10 8.35
C THR A 24 -1.52 -4.10 7.60
N PHE A 25 -1.72 -5.11 6.80
CA PHE A 25 -2.93 -5.21 5.97
C PHE A 25 -3.12 -6.69 5.58
N THR A 26 -2.81 -7.58 6.49
CA THR A 26 -2.95 -9.04 6.21
C THR A 26 -2.12 -9.43 4.98
N GLY A 27 -1.07 -8.71 4.71
CA GLY A 27 -0.22 -9.03 3.52
C GLY A 27 0.84 -10.05 3.92
N ARG A 28 1.27 -10.04 5.16
CA ARG A 28 2.30 -11.01 5.61
C ARG A 28 1.67 -12.10 6.49
N LYS A 1 -1.69 9.99 -11.02
CA LYS A 1 -2.23 8.88 -10.18
C LYS A 1 -1.09 7.93 -9.76
N PRO A 2 -0.55 8.15 -8.58
CA PRO A 2 0.55 7.27 -8.10
C PRO A 2 0.03 5.89 -7.73
N TYR A 3 0.86 5.06 -7.14
CA TYR A 3 0.43 3.68 -6.75
C TYR A 3 -0.84 3.72 -5.90
N THR A 4 -1.56 2.64 -5.87
CA THR A 4 -2.82 2.60 -5.06
C THR A 4 -3.26 1.16 -4.80
N ALA A 5 -2.57 0.45 -3.93
CA ALA A 5 -2.95 -0.97 -3.61
C ALA A 5 -4.44 -1.02 -3.27
N ARG A 6 -5.04 -2.18 -3.34
CA ARG A 6 -6.48 -2.29 -2.98
C ARG A 6 -6.61 -2.19 -1.46
N ILE A 7 -6.21 -1.09 -0.88
CA ILE A 7 -6.27 -0.94 0.59
C ILE A 7 -6.53 0.52 0.98
N LYS A 8 -7.39 0.75 1.94
CA LYS A 8 -7.64 2.14 2.45
C LYS A 8 -8.03 3.17 1.37
N GLY A 9 -7.17 3.40 0.40
CA GLY A 9 -7.44 4.44 -0.63
C GLY A 9 -6.51 5.61 -0.31
N ARG A 10 -5.32 5.29 0.13
CA ARG A 10 -4.32 6.33 0.51
C ARG A 10 -3.37 6.63 -0.65
N THR A 11 -3.36 5.81 -1.67
CA THR A 11 -2.40 6.03 -2.80
C THR A 11 -0.98 5.85 -2.26
N PHE A 12 -0.04 5.57 -3.13
CA PHE A 12 1.36 5.40 -2.64
C PHE A 12 2.37 5.93 -3.65
N SER A 13 3.23 6.81 -3.20
CA SER A 13 4.26 7.37 -4.12
C SER A 13 5.21 6.26 -4.57
N ASN A 14 5.37 5.24 -3.75
CA ASN A 14 6.27 4.13 -4.14
C ASN A 14 5.73 2.79 -3.62
N GLU A 15 5.94 1.75 -4.39
CA GLU A 15 5.46 0.41 -3.96
C GLU A 15 6.19 -0.03 -2.70
N LYS A 16 7.40 0.45 -2.53
CA LYS A 16 8.19 0.09 -1.31
C LYS A 16 7.42 0.54 -0.06
N GLU A 17 6.72 1.64 -0.18
CA GLU A 17 5.91 2.13 0.97
C GLU A 17 4.68 1.26 1.13
N LEU A 18 3.97 1.05 0.04
CA LEU A 18 2.74 0.21 0.12
C LEU A 18 3.10 -1.20 0.57
N ARG A 19 4.18 -1.77 0.08
CA ARG A 19 4.58 -3.14 0.52
C ARG A 19 4.64 -3.17 2.06
N ASP A 20 4.97 -2.05 2.66
CA ASP A 20 5.02 -1.97 4.15
C ASP A 20 3.59 -1.77 4.65
N PHE A 21 2.84 -0.91 4.01
CA PHE A 21 1.42 -0.70 4.41
C PHE A 21 0.66 -2.02 4.20
N LEU A 22 1.12 -2.83 3.27
CA LEU A 22 0.49 -4.15 3.00
C LEU A 22 0.86 -5.11 4.14
N GLU A 23 1.95 -4.84 4.84
CA GLU A 23 2.36 -5.73 5.97
C GLU A 23 1.27 -5.69 7.04
N THR A 24 0.59 -4.58 7.15
CA THR A 24 -0.53 -4.48 8.13
C THR A 24 -1.85 -4.74 7.40
N PHE A 25 -1.82 -5.67 6.50
CA PHE A 25 -3.02 -6.06 5.71
C PHE A 25 -3.40 -7.51 6.03
N THR A 26 -2.82 -8.09 7.08
CA THR A 26 -3.12 -9.51 7.44
C THR A 26 -2.65 -10.42 6.31
N GLY A 27 -1.56 -10.08 5.67
CA GLY A 27 -1.05 -10.93 4.55
C GLY A 27 0.48 -10.89 4.54
N ARG A 28 1.09 -10.86 5.70
CA ARG A 28 2.59 -10.83 5.76
C ARG A 28 3.07 -11.09 7.20
N LYS A 1 -2.25 9.61 -11.94
CA LYS A 1 -2.79 8.49 -11.10
C LYS A 1 -1.64 7.81 -10.34
N PRO A 2 -1.43 8.23 -9.11
CA PRO A 2 -0.33 7.62 -8.30
C PRO A 2 -0.72 6.20 -7.87
N TYR A 3 0.14 5.54 -7.13
CA TYR A 3 -0.16 4.15 -6.68
C TYR A 3 -1.39 4.15 -5.77
N THR A 4 -1.74 3.01 -5.22
CA THR A 4 -2.94 2.97 -4.31
C THR A 4 -3.12 1.58 -3.66
N ALA A 5 -2.67 0.52 -4.29
CA ALA A 5 -2.88 -0.86 -3.73
C ALA A 5 -4.36 -1.17 -3.70
N ARG A 6 -4.73 -2.41 -3.81
CA ARG A 6 -6.16 -2.76 -3.75
C ARG A 6 -6.62 -2.80 -2.28
N ILE A 7 -6.35 -1.76 -1.52
CA ILE A 7 -6.75 -1.75 -0.10
C ILE A 7 -6.85 -0.33 0.42
N LYS A 8 -7.80 -0.05 1.28
CA LYS A 8 -7.92 1.31 1.88
C LYS A 8 -7.96 2.41 0.81
N GLY A 9 -6.82 2.81 0.31
CA GLY A 9 -6.75 3.89 -0.70
C GLY A 9 -5.78 4.94 -0.18
N ARG A 10 -4.65 4.49 0.34
CA ARG A 10 -3.64 5.45 0.90
C ARG A 10 -2.91 6.17 -0.25
N THR A 11 -2.98 5.64 -1.47
CA THR A 11 -2.28 6.25 -2.68
C THR A 11 -0.81 5.81 -2.75
N PHE A 12 -0.16 5.70 -1.63
CA PHE A 12 1.27 5.27 -1.60
C PHE A 12 2.14 6.05 -2.58
N SER A 13 2.90 7.00 -2.07
CA SER A 13 3.79 7.81 -2.96
C SER A 13 4.68 6.89 -3.81
N ASN A 14 4.92 5.69 -3.35
CA ASN A 14 5.76 4.74 -4.14
C ASN A 14 5.34 3.28 -3.86
N GLU A 15 5.45 2.43 -4.85
CA GLU A 15 5.07 1.00 -4.65
C GLU A 15 5.92 0.38 -3.55
N LYS A 16 7.11 0.87 -3.36
CA LYS A 16 7.99 0.35 -2.29
C LYS A 16 7.31 0.54 -0.91
N GLU A 17 6.37 1.44 -0.84
CA GLU A 17 5.64 1.67 0.45
C GLU A 17 4.56 0.61 0.65
N LEU A 18 4.27 -0.18 -0.37
CA LEU A 18 3.22 -1.23 -0.21
C LEU A 18 3.80 -2.40 0.57
N ARG A 19 5.08 -2.62 0.49
CA ARG A 19 5.69 -3.76 1.24
C ARG A 19 5.54 -3.47 2.74
N ASP A 20 5.66 -2.23 3.10
CA ASP A 20 5.49 -1.83 4.53
C ASP A 20 4.00 -1.78 4.86
N PHE A 21 3.19 -1.44 3.88
CA PHE A 21 1.73 -1.38 4.09
C PHE A 21 1.15 -2.79 4.09
N LEU A 22 1.58 -3.60 3.16
CA LEU A 22 1.07 -4.99 3.05
C LEU A 22 1.26 -5.75 4.36
N GLU A 23 2.17 -5.31 5.18
CA GLU A 23 2.33 -5.96 6.51
C GLU A 23 1.15 -5.53 7.35
N THR A 24 0.73 -4.28 7.17
CA THR A 24 -0.47 -3.78 7.88
C THR A 24 -1.66 -3.79 6.90
N PHE A 25 -1.64 -4.73 5.99
CA PHE A 25 -2.75 -4.86 4.99
C PHE A 25 -3.99 -5.31 5.73
N THR A 26 -3.81 -6.26 6.61
CA THR A 26 -4.94 -6.80 7.40
C THR A 26 -4.42 -7.38 8.73
N GLY A 27 -3.34 -6.86 9.22
CA GLY A 27 -2.77 -7.38 10.50
C GLY A 27 -1.71 -8.44 10.19
N ARG A 28 -1.03 -8.31 9.08
CA ARG A 28 0.01 -9.30 8.70
C ARG A 28 1.27 -9.10 9.54
N LYS A 1 -0.71 5.91 -14.35
CA LYS A 1 -1.56 6.10 -13.15
C LYS A 1 -0.71 6.02 -11.87
N PRO A 2 -1.08 6.80 -10.88
CA PRO A 2 -0.31 6.79 -9.60
C PRO A 2 -0.57 5.49 -8.83
N TYR A 3 0.12 5.29 -7.74
CA TYR A 3 -0.08 4.05 -6.94
C TYR A 3 -1.34 4.16 -6.09
N THR A 4 -1.99 3.06 -5.88
CA THR A 4 -3.24 3.07 -5.07
C THR A 4 -3.68 1.61 -4.85
N ALA A 5 -3.09 0.94 -3.89
CA ALA A 5 -3.44 -0.49 -3.62
C ALA A 5 -4.96 -0.71 -3.61
N ARG A 6 -5.40 -1.93 -3.57
CA ARG A 6 -6.85 -2.21 -3.54
C ARG A 6 -7.42 -2.07 -2.12
N ILE A 7 -6.71 -1.39 -1.23
CA ILE A 7 -7.20 -1.23 0.16
C ILE A 7 -7.01 0.21 0.60
N LYS A 8 -7.87 0.70 1.46
CA LYS A 8 -7.73 2.09 2.02
C LYS A 8 -7.76 3.19 0.94
N GLY A 9 -6.83 3.16 0.01
CA GLY A 9 -6.74 4.23 -1.01
C GLY A 9 -5.66 5.20 -0.52
N ARG A 10 -4.68 4.69 0.20
CA ARG A 10 -3.58 5.58 0.71
C ARG A 10 -2.84 6.24 -0.46
N THR A 11 -2.95 5.65 -1.64
CA THR A 11 -2.25 6.18 -2.87
C THR A 11 -0.79 5.70 -2.93
N PHE A 12 -0.26 5.21 -1.85
CA PHE A 12 1.13 4.67 -1.81
C PHE A 12 2.16 5.53 -2.55
N SER A 13 3.02 6.18 -1.82
CA SER A 13 4.07 7.05 -2.45
C SER A 13 4.81 6.28 -3.56
N ASN A 14 4.85 4.98 -3.44
CA ASN A 14 5.53 4.14 -4.48
C ASN A 14 5.30 2.66 -4.19
N GLU A 15 6.07 1.79 -4.80
CA GLU A 15 5.88 0.33 -4.56
C GLU A 15 6.41 -0.04 -3.18
N LYS A 16 7.41 0.66 -2.72
CA LYS A 16 7.99 0.37 -1.39
C LYS A 16 6.96 0.65 -0.29
N GLU A 17 6.04 1.54 -0.54
CA GLU A 17 5.00 1.85 0.49
C GLU A 17 4.09 0.65 0.68
N LEU A 18 3.74 -0.03 -0.38
CA LEU A 18 2.84 -1.21 -0.25
C LEU A 18 3.51 -2.25 0.63
N ARG A 19 4.81 -2.35 0.59
CA ARG A 19 5.50 -3.34 1.48
C ARG A 19 5.21 -2.99 2.94
N ASP A 20 5.75 -1.89 3.39
CA ASP A 20 5.50 -1.44 4.80
C ASP A 20 4.00 -1.40 5.10
N PHE A 21 3.20 -1.15 4.08
CA PHE A 21 1.73 -1.11 4.27
C PHE A 21 1.17 -2.54 4.32
N LEU A 22 1.53 -3.34 3.35
CA LEU A 22 1.03 -4.74 3.28
C LEU A 22 1.24 -5.48 4.60
N GLU A 23 2.21 -5.05 5.37
CA GLU A 23 2.44 -5.70 6.69
C GLU A 23 1.26 -5.36 7.60
N THR A 24 0.83 -4.12 7.57
CA THR A 24 -0.35 -3.71 8.38
C THR A 24 -1.56 -3.70 7.45
N PHE A 25 -1.72 -4.77 6.71
CA PHE A 25 -2.84 -4.85 5.73
C PHE A 25 -3.30 -6.31 5.62
N THR A 26 -2.37 -7.19 5.41
CA THR A 26 -2.71 -8.65 5.27
C THR A 26 -2.53 -9.37 6.62
N GLY A 27 -2.52 -8.64 7.71
CA GLY A 27 -2.36 -9.29 9.04
C GLY A 27 -0.99 -9.97 9.12
N ARG A 28 0.02 -9.34 8.59
CA ARG A 28 1.39 -9.94 8.63
C ARG A 28 2.26 -9.23 9.66
N LYS A 1 -0.08 7.41 -13.51
CA LYS A 1 -1.01 6.79 -12.51
C LYS A 1 -0.25 6.41 -11.23
N PRO A 2 -0.50 7.11 -10.14
CA PRO A 2 0.20 6.80 -8.87
C PRO A 2 -0.29 5.46 -8.30
N TYR A 3 0.47 4.87 -7.43
CA TYR A 3 0.06 3.57 -6.82
C TYR A 3 -1.22 3.75 -6.00
N THR A 4 -1.71 2.71 -5.36
CA THR A 4 -2.97 2.86 -4.54
C THR A 4 -3.31 1.58 -3.75
N ALA A 5 -2.97 0.42 -4.27
CA ALA A 5 -3.31 -0.87 -3.56
C ALA A 5 -4.83 -1.02 -3.47
N ARG A 6 -5.31 -2.21 -3.28
CA ARG A 6 -6.77 -2.43 -3.16
C ARG A 6 -7.25 -2.20 -1.72
N ILE A 7 -6.79 -1.14 -1.09
CA ILE A 7 -7.19 -0.86 0.31
C ILE A 7 -7.77 0.56 0.40
N LYS A 8 -7.54 1.26 1.49
CA LYS A 8 -8.04 2.64 1.67
C LYS A 8 -7.83 3.51 0.42
N GLY A 9 -6.82 3.20 -0.34
CA GLY A 9 -6.52 4.03 -1.54
C GLY A 9 -5.63 5.18 -1.11
N ARG A 10 -4.69 4.91 -0.22
CA ARG A 10 -3.78 5.98 0.26
C ARG A 10 -2.94 6.53 -0.91
N THR A 11 -2.90 5.84 -2.04
CA THR A 11 -2.12 6.25 -3.27
C THR A 11 -0.66 5.75 -3.20
N PHE A 12 -0.09 5.74 -2.04
CA PHE A 12 1.31 5.24 -1.85
C PHE A 12 2.27 5.86 -2.86
N SER A 13 3.01 6.85 -2.42
CA SER A 13 4.00 7.52 -3.33
C SER A 13 4.90 6.48 -4.01
N ASN A 14 5.08 5.34 -3.39
CA ASN A 14 5.93 4.28 -4.00
C ASN A 14 5.50 2.89 -3.52
N GLU A 15 5.68 1.90 -4.36
CA GLU A 15 5.29 0.50 -3.97
C GLU A 15 6.00 0.09 -2.68
N LYS A 16 7.17 0.63 -2.46
CA LYS A 16 7.92 0.30 -1.21
C LYS A 16 7.09 0.69 0.02
N GLU A 17 6.23 1.67 -0.13
CA GLU A 17 5.36 2.10 1.00
C GLU A 17 4.22 1.11 1.13
N LEU A 18 3.49 0.92 0.06
CA LEU A 18 2.35 -0.03 0.08
C LEU A 18 2.85 -1.42 0.47
N ARG A 19 4.06 -1.75 0.06
CA ARG A 19 4.63 -3.10 0.43
C ARG A 19 4.74 -3.18 1.95
N ASP A 20 5.42 -2.24 2.55
CA ASP A 20 5.55 -2.23 4.05
C ASP A 20 4.16 -2.08 4.65
N PHE A 21 3.34 -1.26 4.04
CA PHE A 21 1.95 -1.09 4.53
C PHE A 21 1.20 -2.42 4.37
N LEU A 22 1.60 -3.21 3.40
CA LEU A 22 0.95 -4.54 3.18
C LEU A 22 1.32 -5.51 4.29
N GLU A 23 2.41 -5.28 4.97
CA GLU A 23 2.77 -6.19 6.10
C GLU A 23 1.73 -6.01 7.19
N THR A 24 1.21 -4.82 7.31
CA THR A 24 0.14 -4.57 8.32
C THR A 24 -1.22 -4.57 7.62
N PHE A 25 -1.34 -5.35 6.59
CA PHE A 25 -2.64 -5.47 5.86
C PHE A 25 -3.26 -6.83 6.15
N THR A 26 -2.79 -7.51 7.17
CA THR A 26 -3.36 -8.84 7.53
C THR A 26 -3.20 -9.80 6.35
N GLY A 27 -2.13 -9.67 5.62
CA GLY A 27 -1.90 -10.56 4.45
C GLY A 27 -0.55 -11.26 4.60
N ARG A 28 0.52 -10.51 4.68
CA ARG A 28 1.88 -11.12 4.83
C ARG A 28 2.04 -11.71 6.23
N LYS A 1 0.94 8.91 -13.07
CA LYS A 1 0.46 7.56 -12.69
C LYS A 1 0.69 7.30 -11.19
N PRO A 2 -0.16 7.87 -10.36
CA PRO A 2 -0.02 7.69 -8.90
C PRO A 2 -0.43 6.27 -8.48
N TYR A 3 0.17 5.76 -7.44
CA TYR A 3 -0.18 4.40 -6.97
C TYR A 3 -1.43 4.43 -6.10
N THR A 4 -2.08 3.30 -5.97
CA THR A 4 -3.31 3.25 -5.14
C THR A 4 -3.81 1.80 -5.03
N ALA A 5 -3.15 0.99 -4.22
CA ALA A 5 -3.60 -0.44 -4.04
C ALA A 5 -5.12 -0.47 -3.84
N ARG A 6 -5.78 -1.59 -4.07
CA ARG A 6 -7.25 -1.63 -3.87
C ARG A 6 -7.61 -1.71 -2.36
N ILE A 7 -6.66 -1.41 -1.49
CA ILE A 7 -6.92 -1.46 -0.04
C ILE A 7 -6.96 -0.05 0.53
N LYS A 8 -8.04 0.33 1.17
CA LYS A 8 -8.14 1.69 1.82
C LYS A 8 -8.08 2.86 0.82
N GLY A 9 -7.05 2.93 0.01
CA GLY A 9 -6.89 4.06 -0.93
C GLY A 9 -5.77 4.95 -0.38
N ARG A 10 -4.81 4.34 0.31
CA ARG A 10 -3.67 5.12 0.89
C ARG A 10 -2.94 5.86 -0.23
N THR A 11 -3.00 5.34 -1.44
CA THR A 11 -2.30 5.92 -2.63
C THR A 11 -0.83 5.46 -2.70
N PHE A 12 -0.29 5.01 -1.59
CA PHE A 12 1.10 4.49 -1.55
C PHE A 12 2.10 5.47 -2.18
N SER A 13 2.97 6.03 -1.36
CA SER A 13 4.01 6.99 -1.90
C SER A 13 4.76 6.36 -3.07
N ASN A 14 4.82 5.06 -3.10
CA ASN A 14 5.52 4.34 -4.22
C ASN A 14 5.23 2.84 -4.08
N GLU A 15 5.50 2.06 -5.10
CA GLU A 15 5.24 0.60 -5.01
C GLU A 15 6.00 -0.01 -3.82
N LYS A 16 7.04 0.65 -3.39
CA LYS A 16 7.81 0.14 -2.22
C LYS A 16 6.97 0.32 -0.95
N GLU A 17 6.10 1.29 -0.94
CA GLU A 17 5.22 1.51 0.26
C GLU A 17 4.42 0.25 0.56
N LEU A 18 4.20 -0.59 -0.43
CA LEU A 18 3.44 -1.85 -0.18
C LEU A 18 4.12 -2.62 0.93
N ARG A 19 5.42 -2.69 0.90
CA ARG A 19 6.19 -3.39 1.99
C ARG A 19 5.74 -2.87 3.37
N ASP A 20 6.00 -1.62 3.65
CA ASP A 20 5.56 -1.03 4.96
C ASP A 20 4.04 -1.21 5.11
N PHE A 21 3.34 -1.34 4.02
CA PHE A 21 1.87 -1.54 4.10
C PHE A 21 1.58 -3.02 4.39
N LEU A 22 2.21 -3.91 3.64
CA LEU A 22 2.01 -5.38 3.80
C LEU A 22 1.90 -5.76 5.28
N GLU A 23 2.58 -5.04 6.13
CA GLU A 23 2.47 -5.30 7.60
C GLU A 23 1.06 -4.88 8.03
N THR A 24 0.70 -3.65 7.73
CA THR A 24 -0.68 -3.16 8.05
C THR A 24 -1.49 -3.18 6.75
N PHE A 25 -1.61 -4.34 6.17
CA PHE A 25 -2.31 -4.50 4.85
C PHE A 25 -3.21 -5.74 4.90
N THR A 26 -2.70 -6.81 5.42
CA THR A 26 -3.49 -8.06 5.52
C THR A 26 -3.68 -8.47 6.97
N GLY A 27 -3.75 -7.51 7.87
CA GLY A 27 -3.93 -7.82 9.31
C GLY A 27 -2.64 -8.43 9.87
N ARG A 28 -1.51 -7.84 9.55
CA ARG A 28 -0.22 -8.37 10.06
C ARG A 28 0.47 -7.34 10.94
N LYS A 1 0.48 8.31 -12.83
CA LYS A 1 -0.37 7.23 -12.25
C LYS A 1 0.29 6.64 -10.99
N PRO A 2 0.01 7.25 -9.85
CA PRO A 2 0.60 6.77 -8.58
C PRO A 2 -0.06 5.46 -8.15
N TYR A 3 0.50 4.79 -7.18
CA TYR A 3 -0.09 3.51 -6.70
C TYR A 3 -1.24 3.79 -5.73
N THR A 4 -1.83 2.76 -5.17
CA THR A 4 -2.97 2.95 -4.22
C THR A 4 -3.46 1.57 -3.75
N ALA A 5 -3.56 0.61 -4.63
CA ALA A 5 -4.06 -0.75 -4.25
C ALA A 5 -5.50 -0.64 -3.79
N ARG A 6 -6.34 -1.58 -4.16
CA ARG A 6 -7.76 -1.52 -3.72
C ARG A 6 -7.85 -1.88 -2.23
N ILE A 7 -7.11 -1.18 -1.39
CA ILE A 7 -7.15 -1.48 0.07
C ILE A 7 -6.95 -0.18 0.86
N LYS A 8 -7.83 0.09 1.81
CA LYS A 8 -7.68 1.31 2.66
C LYS A 8 -7.81 2.62 1.85
N GLY A 9 -6.91 2.84 0.93
CA GLY A 9 -6.95 4.11 0.14
C GLY A 9 -5.85 5.02 0.67
N ARG A 10 -4.75 4.44 1.09
CA ARG A 10 -3.62 5.24 1.64
C ARG A 10 -2.65 5.68 0.52
N THR A 11 -2.87 5.24 -0.69
CA THR A 11 -1.94 5.61 -1.80
C THR A 11 -0.57 4.99 -1.54
N PHE A 12 0.09 4.53 -2.56
CA PHE A 12 1.45 3.94 -2.39
C PHE A 12 2.35 4.43 -3.50
N SER A 13 2.46 5.75 -3.60
CA SER A 13 3.29 6.44 -4.65
C SER A 13 4.47 5.58 -5.13
N ASN A 14 5.12 4.93 -4.20
CA ASN A 14 6.24 4.04 -4.59
C ASN A 14 6.08 2.69 -3.89
N GLU A 15 6.57 1.64 -4.50
CA GLU A 15 6.44 0.28 -3.87
C GLU A 15 6.97 0.30 -2.43
N LYS A 16 7.85 1.21 -2.13
CA LYS A 16 8.38 1.32 -0.74
C LYS A 16 7.21 1.58 0.22
N GLU A 17 6.16 2.20 -0.28
CA GLU A 17 4.97 2.45 0.56
C GLU A 17 4.23 1.13 0.74
N LEU A 18 4.15 0.37 -0.33
CA LEU A 18 3.46 -0.94 -0.25
C LEU A 18 4.17 -1.81 0.77
N ARG A 19 5.49 -1.85 0.74
CA ARG A 19 6.26 -2.67 1.75
C ARG A 19 5.75 -2.39 3.17
N ASP A 20 5.68 -1.15 3.54
CA ASP A 20 5.16 -0.78 4.89
C ASP A 20 3.69 -1.16 4.96
N PHE A 21 2.99 -1.09 3.86
CA PHE A 21 1.55 -1.46 3.85
C PHE A 21 1.37 -2.98 3.83
N LEU A 22 2.20 -3.65 3.08
CA LEU A 22 2.13 -5.13 2.93
C LEU A 22 1.94 -5.79 4.30
N GLU A 23 2.45 -5.18 5.33
CA GLU A 23 2.26 -5.73 6.70
C GLU A 23 0.87 -5.34 7.18
N THR A 24 0.50 -4.09 6.96
CA THR A 24 -0.86 -3.65 7.37
C THR A 24 -1.77 -3.64 6.12
N PHE A 25 -1.62 -4.63 5.30
CA PHE A 25 -2.44 -4.74 4.06
C PHE A 25 -3.70 -5.54 4.38
N THR A 26 -3.54 -6.53 5.21
CA THR A 26 -4.70 -7.39 5.62
C THR A 26 -4.45 -7.99 7.00
N GLY A 27 -3.96 -7.21 7.93
CA GLY A 27 -3.69 -7.74 9.30
C GLY A 27 -2.62 -8.83 9.22
N ARG A 28 -1.68 -8.68 8.32
CA ARG A 28 -0.60 -9.72 8.18
C ARG A 28 0.27 -9.75 9.43
#